data_4CS5
#
_entry.id   4CS5
#
_cell.length_a   144.570
_cell.length_b   83.380
_cell.length_c   74.310
_cell.angle_alpha   90.00
_cell.angle_beta   117.65
_cell.angle_gamma   90.00
#
_symmetry.space_group_name_H-M   'C 1 2 1'
#
_entity_poly.entity_id   1
_entity_poly.type   'polypeptide(L)'
_entity_poly.pdbx_seq_one_letter_code
;MFEARLVQGSLLKKVLEAIKDLLNEASWDCADSGIQLQAMDNSHVSLVSLNLRAKGFDKYRCDRNLIMGMNLTSMSKILK
CAANDDIITMKAQDNADTVTFMFESPNQEKVSDYEMKLMNLDQEHLGIPETDYACVIKLPSGEFARICRDLSQFGESIVI
ACTKEGVKFSAAGDIGTANIKLAQTSSVDKEEEAVVIEMQEPVTLTFACRYLNMFTKATPLSPQVSLSMSPDVPLVVEYA
IGEIGHIRYFLAPKIEDEDS
;
_entity_poly.pdbx_strand_id   A,B,C
#
# COMPACT_ATOMS: atom_id res chain seq x y z
N MET A 1 4.33 -31.56 -29.86
CA MET A 1 4.28 -31.01 -28.51
C MET A 1 3.08 -30.09 -28.33
N PHE A 2 3.18 -29.28 -27.28
CA PHE A 2 2.19 -28.24 -26.96
C PHE A 2 2.91 -26.90 -26.75
N GLU A 3 2.48 -25.89 -27.52
CA GLU A 3 3.04 -24.57 -27.45
C GLU A 3 1.96 -23.54 -27.67
N ALA A 4 1.36 -23.11 -26.56
CA ALA A 4 0.40 -22.02 -26.58
C ALA A 4 1.07 -20.70 -26.18
N ARG A 5 1.04 -19.73 -27.10
CA ARG A 5 1.81 -18.50 -26.92
C ARG A 5 0.92 -17.26 -26.98
N LEU A 6 0.51 -16.73 -25.83
CA LEU A 6 -0.34 -15.53 -25.78
C LEU A 6 0.42 -14.22 -25.90
N VAL A 7 0.00 -13.38 -26.86
CA VAL A 7 0.55 -12.03 -27.03
C VAL A 7 0.64 -11.26 -25.70
N GLN A 8 -0.48 -11.23 -24.97
CA GLN A 8 -0.63 -10.49 -23.73
C GLN A 8 -0.55 -11.35 -22.48
N GLY A 9 0.67 -11.69 -22.07
CA GLY A 9 0.88 -12.51 -20.89
C GLY A 9 0.05 -12.22 -19.66
N SER A 10 -0.13 -10.92 -19.38
CA SER A 10 -0.98 -10.40 -18.30
C SER A 10 -2.24 -11.25 -18.07
N LEU A 11 -2.94 -11.52 -19.17
CA LEU A 11 -4.16 -12.31 -19.19
C LEU A 11 -4.09 -13.58 -18.38
N LEU A 12 -3.07 -14.37 -18.63
CA LEU A 12 -2.95 -15.65 -17.93
C LEU A 12 -2.87 -15.42 -16.43
N LYS A 13 -2.00 -14.48 -16.06
CA LYS A 13 -1.76 -14.13 -14.67
C LYS A 13 -3.06 -13.76 -14.02
N LYS A 14 -3.87 -12.97 -14.74
CA LYS A 14 -5.10 -12.42 -14.18
C LYS A 14 -5.90 -13.60 -13.75
N VAL A 15 -5.95 -14.59 -14.68
CA VAL A 15 -6.70 -15.84 -14.52
C VAL A 15 -6.22 -16.66 -13.33
N LEU A 16 -4.91 -16.73 -13.17
CA LEU A 16 -4.39 -17.36 -11.97
C LEU A 16 -4.99 -16.72 -10.71
N GLU A 17 -5.04 -15.39 -10.68
CA GLU A 17 -5.60 -14.70 -9.53
C GLU A 17 -7.05 -15.08 -9.34
N ALA A 18 -7.74 -15.24 -10.46
CA ALA A 18 -9.15 -15.54 -10.41
C ALA A 18 -9.42 -16.94 -9.80
N ILE A 19 -8.41 -17.80 -9.79
CA ILE A 19 -8.54 -19.13 -9.23
C ILE A 19 -7.77 -19.26 -7.93
N LYS A 20 -6.44 -19.30 -8.08
CA LYS A 20 -5.41 -19.36 -7.01
C LYS A 20 -5.85 -19.66 -5.57
N ASP A 21 -6.77 -18.88 -5.05
CA ASP A 21 -7.20 -19.05 -3.67
C ASP A 21 -8.31 -20.10 -3.54
N LEU A 22 -9.02 -20.36 -4.64
CA LEU A 22 -10.11 -21.31 -4.69
C LEU A 22 -9.58 -22.71 -4.75
N LEU A 23 -8.82 -22.99 -5.81
CA LEU A 23 -8.36 -24.34 -6.14
C LEU A 23 -6.87 -24.45 -5.91
N ASN A 24 -6.44 -25.44 -5.14
CA ASN A 24 -5.02 -25.58 -4.88
C ASN A 24 -4.28 -26.55 -5.80
N GLU A 25 -5.01 -27.20 -6.72
CA GLU A 25 -4.40 -28.07 -7.74
C GLU A 25 -5.36 -28.37 -8.90
N ALA A 26 -4.94 -28.00 -10.11
CA ALA A 26 -5.81 -28.12 -11.29
C ALA A 26 -5.18 -28.82 -12.50
N SER A 27 -6.01 -29.51 -13.28
CA SER A 27 -5.58 -30.11 -14.53
C SER A 27 -6.08 -29.32 -15.72
N TRP A 28 -5.15 -28.74 -16.47
CA TRP A 28 -5.47 -28.02 -17.68
C TRP A 28 -5.56 -29.00 -18.83
N ASP A 29 -6.76 -29.15 -19.37
CA ASP A 29 -6.95 -30.00 -20.53
C ASP A 29 -6.63 -29.25 -21.84
N CYS A 30 -5.74 -29.83 -22.63
CA CYS A 30 -5.34 -29.26 -23.88
C CYS A 30 -5.78 -30.12 -25.06
N ALA A 31 -6.36 -29.45 -26.06
CA ALA A 31 -6.85 -30.06 -27.30
C ALA A 31 -6.79 -29.03 -28.42
N ASP A 32 -7.26 -29.40 -29.60
CA ASP A 32 -7.07 -28.58 -30.81
C ASP A 32 -7.74 -27.20 -30.81
N SER A 33 -8.77 -27.01 -29.99
CA SER A 33 -9.31 -25.65 -29.85
C SER A 33 -8.78 -24.91 -28.63
N GLY A 34 -8.21 -25.62 -27.67
CA GLY A 34 -7.58 -24.92 -26.58
C GLY A 34 -7.67 -25.61 -25.25
N ILE A 35 -7.34 -24.81 -24.24
CA ILE A 35 -7.25 -25.29 -22.88
C ILE A 35 -8.59 -25.09 -22.15
N GLN A 36 -8.81 -25.95 -21.16
CA GLN A 36 -10.11 -26.08 -20.55
C GLN A 36 -9.83 -26.60 -19.15
N LEU A 37 -10.47 -26.00 -18.16
CA LEU A 37 -10.14 -26.29 -16.77
C LEU A 37 -11.40 -26.51 -15.92
N GLN A 38 -11.45 -27.69 -15.29
CA GLN A 38 -12.62 -28.06 -14.51
C GLN A 38 -12.24 -28.46 -13.09
N ALA A 39 -12.64 -27.65 -12.11
CA ALA A 39 -12.37 -28.03 -10.73
C ALA A 39 -13.41 -27.63 -9.67
N MET A 40 -13.47 -28.42 -8.61
CA MET A 40 -14.38 -28.21 -7.50
C MET A 40 -13.52 -27.79 -6.32
N ASP A 41 -13.83 -26.63 -5.74
CA ASP A 41 -12.90 -25.95 -4.81
C ASP A 41 -12.46 -26.74 -3.58
N ASN A 42 -11.51 -26.18 -2.84
CA ASN A 42 -10.96 -26.83 -1.63
C ASN A 42 -12.03 -27.45 -0.76
N SER A 43 -13.12 -26.72 -0.57
CA SER A 43 -14.19 -27.13 0.32
C SER A 43 -15.39 -27.73 -0.41
N HIS A 44 -15.21 -28.03 -1.69
CA HIS A 44 -16.23 -28.68 -2.54
C HIS A 44 -17.62 -28.03 -2.48
N VAL A 45 -17.69 -26.75 -2.82
CA VAL A 45 -18.94 -26.01 -2.88
C VAL A 45 -19.09 -25.28 -4.21
N SER A 46 -18.11 -24.48 -4.57
CA SER A 46 -18.12 -23.79 -5.85
C SER A 46 -17.44 -24.62 -6.94
N LEU A 47 -17.70 -24.24 -8.19
CA LEU A 47 -17.10 -24.95 -9.30
C LEU A 47 -16.52 -23.96 -10.31
N VAL A 48 -15.23 -24.12 -10.60
CA VAL A 48 -14.64 -23.36 -11.69
C VAL A 48 -14.57 -24.11 -13.03
N SER A 49 -14.92 -23.38 -14.08
CA SER A 49 -14.85 -23.90 -15.42
C SER A 49 -14.24 -22.82 -16.29
N LEU A 50 -13.14 -23.16 -16.93
CA LEU A 50 -12.43 -22.18 -17.70
C LEU A 50 -12.26 -22.64 -19.14
N ASN A 51 -12.56 -21.76 -20.10
CA ASN A 51 -12.18 -22.05 -21.47
C ASN A 51 -11.31 -21.00 -22.12
N LEU A 52 -10.33 -21.49 -22.85
CA LEU A 52 -9.43 -20.68 -23.63
C LEU A 52 -9.22 -21.29 -25.01
N ARG A 53 -9.57 -20.51 -26.02
CA ARG A 53 -9.70 -21.01 -27.37
C ARG A 53 -8.51 -20.69 -28.27
N ALA A 54 -8.02 -21.72 -28.96
CA ALA A 54 -7.05 -21.61 -30.05
C ALA A 54 -6.97 -20.25 -30.75
N LYS A 55 -8.11 -19.78 -31.27
CA LYS A 55 -8.15 -18.54 -32.05
C LYS A 55 -7.59 -17.31 -31.27
N GLY A 56 -7.65 -17.38 -29.95
CA GLY A 56 -7.20 -16.29 -29.10
C GLY A 56 -5.70 -16.17 -28.79
N PHE A 57 -5.00 -17.30 -28.78
CA PHE A 57 -3.56 -17.26 -28.62
C PHE A 57 -2.94 -16.75 -29.90
N ASP A 58 -1.77 -16.14 -29.80
CA ASP A 58 -1.05 -15.70 -30.97
C ASP A 58 -0.52 -16.93 -31.72
N LYS A 59 -0.20 -17.97 -30.95
CA LYS A 59 0.18 -19.25 -31.52
C LYS A 59 -0.29 -20.41 -30.63
N TYR A 60 -1.23 -21.20 -31.16
CA TYR A 60 -1.73 -22.39 -30.48
C TYR A 60 -1.25 -23.65 -31.18
N ARG A 61 -1.07 -24.73 -30.43
CA ARG A 61 -0.60 -25.97 -31.01
C ARG A 61 -0.63 -27.17 -30.06
N CYS A 62 -1.74 -27.94 -30.09
CA CYS A 62 -1.78 -29.21 -29.38
C CYS A 62 -2.00 -30.35 -30.38
N ASP A 63 -0.89 -30.96 -30.84
CA ASP A 63 -0.92 -32.11 -31.74
C ASP A 63 -1.73 -33.23 -31.11
N ARG A 64 -1.16 -33.84 -30.07
CA ARG A 64 -1.83 -34.87 -29.28
C ARG A 64 -2.74 -34.23 -28.20
N ASN A 65 -3.03 -34.95 -27.12
CA ASN A 65 -3.88 -34.39 -26.05
C ASN A 65 -3.19 -34.38 -24.70
N LEU A 66 -3.37 -33.30 -23.95
CA LEU A 66 -2.71 -33.18 -22.64
C LEU A 66 -3.59 -32.87 -21.40
N ILE A 67 -3.58 -33.77 -20.42
CA ILE A 67 -4.01 -33.39 -19.09
C ILE A 67 -2.76 -32.94 -18.34
N MET A 68 -2.54 -31.62 -18.29
CA MET A 68 -1.40 -31.12 -17.53
C MET A 68 -1.85 -30.97 -16.07
N GLY A 69 -1.15 -31.60 -15.14
CA GLY A 69 -1.53 -31.53 -13.73
C GLY A 69 -0.78 -30.47 -12.92
N MET A 70 -0.89 -29.21 -13.33
CA MET A 70 -0.18 -28.11 -12.69
C MET A 70 -0.76 -27.79 -11.32
N ASN A 71 0.11 -27.65 -10.31
CA ASN A 71 -0.30 -27.05 -9.04
C ASN A 71 -0.38 -25.54 -9.22
N LEU A 72 -1.45 -24.96 -8.70
CA LEU A 72 -1.80 -23.58 -9.01
C LEU A 72 -1.01 -22.55 -8.23
N THR A 73 -0.64 -22.85 -6.99
CA THR A 73 0.12 -21.88 -6.20
C THR A 73 1.51 -21.69 -6.79
N SER A 74 2.14 -22.81 -7.12
CA SER A 74 3.47 -22.79 -7.72
C SER A 74 3.42 -22.02 -9.03
N MET A 75 2.45 -22.42 -9.84
CA MET A 75 2.22 -21.78 -11.12
C MET A 75 1.99 -20.27 -10.95
N SER A 76 1.38 -19.90 -9.81
CA SER A 76 1.11 -18.51 -9.47
C SER A 76 2.39 -17.76 -9.15
N LYS A 77 3.34 -18.40 -8.45
CA LYS A 77 4.67 -17.80 -8.26
C LYS A 77 5.28 -17.47 -9.62
N ILE A 78 5.25 -18.47 -10.49
CA ILE A 78 5.85 -18.28 -11.80
C ILE A 78 5.22 -17.14 -12.60
N LEU A 79 3.92 -17.19 -12.82
CA LEU A 79 3.26 -16.08 -13.48
C LEU A 79 3.62 -14.75 -12.82
N LYS A 80 3.46 -14.69 -11.49
CA LYS A 80 3.88 -13.53 -10.69
C LYS A 80 5.29 -13.04 -11.03
N CYS A 81 6.13 -13.90 -11.58
CA CYS A 81 7.41 -13.41 -12.09
C CYS A 81 7.34 -12.77 -13.49
N ALA A 82 6.20 -12.88 -14.16
CA ALA A 82 6.10 -12.21 -15.45
C ALA A 82 5.93 -10.70 -15.27
N ALA A 83 6.11 -9.95 -16.36
CA ALA A 83 5.70 -8.54 -16.45
C ALA A 83 4.44 -8.42 -17.30
N ASN A 84 3.96 -7.20 -17.52
CA ASN A 84 2.70 -6.98 -18.26
C ASN A 84 2.85 -6.58 -19.73
N ASP A 85 3.89 -7.12 -20.35
CA ASP A 85 4.06 -7.03 -21.78
C ASP A 85 4.75 -8.34 -22.13
N ASP A 86 4.89 -9.17 -21.10
CA ASP A 86 5.61 -10.43 -21.22
C ASP A 86 4.89 -11.50 -22.05
N ILE A 87 5.61 -12.11 -22.98
CA ILE A 87 5.04 -13.13 -23.85
C ILE A 87 5.13 -14.51 -23.19
N ILE A 88 4.03 -14.99 -22.60
CA ILE A 88 4.10 -16.29 -21.93
C ILE A 88 4.17 -17.28 -23.04
N THR A 89 4.73 -18.45 -22.76
CA THR A 89 4.51 -19.60 -23.61
C THR A 89 4.66 -20.84 -22.75
N MET A 90 3.52 -21.43 -22.43
CA MET A 90 3.55 -22.79 -21.93
C MET A 90 4.12 -23.66 -23.02
N LYS A 91 4.80 -24.73 -22.62
CA LYS A 91 5.32 -25.69 -23.58
C LYS A 91 5.40 -27.03 -22.89
N ALA A 92 5.14 -28.10 -23.65
CA ALA A 92 5.26 -29.45 -23.09
C ALA A 92 5.44 -30.53 -24.18
N GLN A 93 6.15 -31.61 -23.84
CA GLN A 93 6.24 -32.77 -24.73
C GLN A 93 4.96 -33.56 -24.61
N ASP A 94 4.91 -34.75 -25.22
CA ASP A 94 3.70 -35.56 -25.16
C ASP A 94 3.33 -35.95 -23.73
N ASN A 95 4.04 -36.92 -23.16
CA ASN A 95 3.79 -37.29 -21.77
C ASN A 95 4.69 -36.50 -20.85
N ALA A 96 4.92 -35.23 -21.19
CA ALA A 96 5.84 -34.35 -20.46
C ALA A 96 5.59 -34.40 -18.98
N ASP A 97 6.64 -34.65 -18.21
CA ASP A 97 6.56 -34.63 -16.75
C ASP A 97 6.79 -33.20 -16.22
N THR A 98 6.75 -32.23 -17.13
CA THR A 98 7.10 -30.86 -16.83
C THR A 98 6.47 -29.93 -17.86
N VAL A 99 5.98 -28.78 -17.40
CA VAL A 99 5.60 -27.71 -18.32
C VAL A 99 6.49 -26.48 -18.14
N THR A 100 6.82 -25.88 -19.28
CA THR A 100 7.70 -24.75 -19.31
C THR A 100 6.93 -23.50 -19.70
N PHE A 101 7.07 -22.44 -18.90
CA PHE A 101 6.66 -21.12 -19.36
C PHE A 101 7.93 -20.38 -19.64
N MET A 102 7.91 -19.55 -20.66
CA MET A 102 9.10 -18.93 -21.18
C MET A 102 8.77 -17.55 -21.72
N PHE A 103 9.14 -16.54 -20.90
CA PHE A 103 8.75 -15.14 -21.11
C PHE A 103 9.79 -14.40 -21.92
N GLU A 104 9.33 -13.68 -22.94
CA GLU A 104 10.21 -12.87 -23.74
C GLU A 104 9.76 -11.45 -23.48
N SER A 105 10.49 -10.48 -24.03
CA SER A 105 10.12 -9.09 -23.85
C SER A 105 10.06 -8.40 -25.21
N PRO A 106 9.08 -7.51 -25.37
CA PRO A 106 8.83 -6.76 -26.61
C PRO A 106 9.85 -5.64 -26.86
N ASN A 107 10.12 -4.85 -25.83
CA ASN A 107 11.09 -3.76 -25.87
C ASN A 107 12.26 -3.97 -24.91
N GLN A 108 12.59 -5.24 -24.67
CA GLN A 108 13.81 -5.62 -23.96
C GLN A 108 14.36 -6.91 -24.55
N GLU A 109 15.45 -7.41 -23.97
CA GLU A 109 15.98 -8.72 -24.34
C GLU A 109 16.45 -9.52 -23.15
N LYS A 110 15.55 -9.63 -22.17
CA LYS A 110 15.68 -10.66 -21.17
C LYS A 110 14.73 -11.77 -21.57
N VAL A 111 15.07 -13.00 -21.24
CA VAL A 111 14.28 -14.15 -21.63
C VAL A 111 14.20 -15.13 -20.46
N SER A 112 13.08 -15.09 -19.78
CA SER A 112 12.86 -15.93 -18.60
C SER A 112 12.44 -17.31 -19.07
N ASP A 113 12.63 -18.28 -18.19
CA ASP A 113 12.24 -19.63 -18.49
C ASP A 113 12.08 -20.40 -17.16
N TYR A 114 10.83 -20.71 -16.82
CA TYR A 114 10.57 -21.45 -15.62
C TYR A 114 9.93 -22.77 -15.98
N GLU A 115 10.53 -23.86 -15.52
CA GLU A 115 9.95 -25.19 -15.65
C GLU A 115 9.30 -25.65 -14.36
N MET A 116 8.01 -25.91 -14.40
CA MET A 116 7.42 -26.52 -13.23
C MET A 116 7.02 -27.96 -13.45
N LYS A 117 6.87 -28.65 -12.31
CA LYS A 117 6.56 -30.06 -12.22
C LYS A 117 5.06 -30.37 -12.30
N LEU A 118 4.70 -31.36 -13.11
CA LEU A 118 3.32 -31.70 -13.32
C LEU A 118 2.89 -32.85 -12.41
N MET A 119 1.64 -32.80 -11.96
CA MET A 119 1.12 -33.78 -11.00
C MET A 119 0.10 -34.66 -11.69
N ASN A 120 -0.18 -35.80 -11.07
CA ASN A 120 -1.25 -36.66 -11.56
C ASN A 120 -2.52 -36.45 -10.76
N LEU A 121 -3.66 -36.48 -11.44
CA LEU A 121 -4.96 -36.34 -10.77
C LEU A 121 -5.99 -37.26 -11.39
N ASP A 122 -7.07 -37.47 -10.65
CA ASP A 122 -8.30 -37.97 -11.24
C ASP A 122 -8.99 -36.72 -11.74
N GLN A 123 -9.70 -36.78 -12.85
CA GLN A 123 -10.47 -35.59 -13.25
C GLN A 123 -11.97 -35.84 -13.35
N GLU A 124 -12.70 -35.20 -12.44
CA GLU A 124 -14.13 -35.40 -12.26
C GLU A 124 -14.94 -34.34 -12.97
N HIS A 125 -15.06 -34.48 -14.28
CA HIS A 125 -15.85 -33.55 -15.07
C HIS A 125 -17.34 -33.76 -14.83
N LEU A 126 -17.82 -33.25 -13.69
CA LEU A 126 -19.25 -33.08 -13.51
C LEU A 126 -19.67 -32.01 -14.51
N GLY A 127 -20.66 -32.31 -15.34
CA GLY A 127 -21.08 -31.36 -16.38
C GLY A 127 -21.62 -30.05 -15.83
N ILE A 128 -22.16 -29.23 -16.73
CA ILE A 128 -22.74 -27.95 -16.33
C ILE A 128 -24.26 -27.93 -16.59
N PRO A 129 -24.97 -28.98 -16.12
CA PRO A 129 -26.31 -29.40 -16.61
C PRO A 129 -27.06 -28.23 -17.22
N GLU A 130 -26.90 -28.06 -18.54
CA GLU A 130 -27.29 -26.81 -19.18
C GLU A 130 -28.79 -26.49 -19.15
N THR A 131 -29.08 -25.36 -18.53
CA THR A 131 -30.43 -24.85 -18.46
C THR A 131 -30.50 -23.48 -19.13
N ASP A 132 -31.72 -23.03 -19.40
CA ASP A 132 -31.99 -21.64 -19.74
C ASP A 132 -32.53 -21.04 -18.45
N TYR A 133 -31.76 -20.14 -17.86
CA TYR A 133 -32.04 -19.63 -16.53
C TYR A 133 -33.22 -18.67 -16.55
N ALA A 134 -33.88 -18.52 -15.39
CA ALA A 134 -35.04 -17.65 -15.26
C ALA A 134 -34.69 -16.15 -15.33
N CYS A 135 -33.43 -15.80 -15.05
CA CYS A 135 -33.01 -14.40 -15.04
C CYS A 135 -31.53 -14.14 -15.31
N VAL A 136 -31.26 -13.41 -16.38
CA VAL A 136 -29.88 -13.09 -16.71
C VAL A 136 -29.58 -11.63 -16.43
N ILE A 137 -28.73 -11.39 -15.43
CA ILE A 137 -28.23 -10.07 -15.14
C ILE A 137 -26.87 -9.91 -15.76
N LYS A 138 -26.69 -8.86 -16.56
CA LYS A 138 -25.35 -8.42 -16.91
C LYS A 138 -25.13 -7.15 -16.12
N LEU A 139 -23.90 -6.92 -15.66
CA LEU A 139 -23.59 -5.74 -14.83
C LEU A 139 -22.09 -5.47 -14.79
N PRO A 140 -21.68 -4.24 -14.45
CA PRO A 140 -20.25 -3.93 -14.33
C PRO A 140 -19.54 -4.81 -13.27
N SER A 141 -18.40 -5.38 -13.65
CA SER A 141 -17.75 -6.45 -12.87
C SER A 141 -17.21 -5.90 -11.58
N GLY A 142 -16.84 -4.62 -11.65
CA GLY A 142 -16.21 -3.90 -10.56
C GLY A 142 -17.26 -3.31 -9.66
N GLU A 143 -18.42 -3.06 -10.24
CA GLU A 143 -19.57 -2.73 -9.46
C GLU A 143 -19.97 -3.95 -8.62
N PHE A 144 -20.14 -5.09 -9.30
CA PHE A 144 -20.52 -6.31 -8.60
C PHE A 144 -19.51 -6.51 -7.49
N ALA A 145 -18.25 -6.21 -7.79
CA ALA A 145 -17.15 -6.43 -6.83
C ALA A 145 -17.24 -5.57 -5.61
N ARG A 146 -17.44 -4.27 -5.84
CA ARG A 146 -17.62 -3.29 -4.77
C ARG A 146 -18.78 -3.75 -3.88
N ILE A 147 -19.87 -4.21 -4.53
CA ILE A 147 -21.05 -4.70 -3.83
C ILE A 147 -20.76 -5.87 -2.91
N CYS A 148 -20.09 -6.88 -3.46
CA CYS A 148 -19.83 -8.10 -2.72
C CYS A 148 -18.97 -7.81 -1.52
N ARG A 149 -17.92 -7.03 -1.74
CA ARG A 149 -17.00 -6.72 -0.64
C ARG A 149 -17.75 -5.99 0.46
N ASP A 150 -18.43 -4.90 0.10
CA ASP A 150 -19.20 -4.12 1.08
C ASP A 150 -20.11 -4.99 1.95
N LEU A 151 -21.07 -5.67 1.34
CA LEU A 151 -22.08 -6.46 2.08
C LEU A 151 -21.60 -7.65 2.93
N SER A 152 -20.31 -7.88 3.00
CA SER A 152 -19.78 -9.06 3.67
C SER A 152 -19.61 -8.76 5.14
N GLN A 153 -19.59 -7.47 5.44
CA GLN A 153 -19.29 -7.00 6.78
C GLN A 153 -20.54 -7.09 7.66
N PHE A 154 -21.65 -7.49 7.07
CA PHE A 154 -22.90 -7.64 7.79
C PHE A 154 -23.28 -9.10 7.97
N GLY A 155 -23.77 -9.73 6.89
CA GLY A 155 -24.14 -11.12 6.94
C GLY A 155 -23.07 -12.07 6.44
N GLU A 156 -23.33 -13.37 6.62
CA GLU A 156 -22.54 -14.43 6.02
C GLU A 156 -23.17 -14.80 4.68
N SER A 157 -24.35 -14.25 4.43
CA SER A 157 -25.17 -14.65 3.28
C SER A 157 -25.71 -13.42 2.55
N ILE A 158 -25.93 -13.53 1.23
CA ILE A 158 -26.46 -12.44 0.42
C ILE A 158 -27.76 -12.79 -0.28
N VAL A 159 -28.77 -11.95 -0.13
CA VAL A 159 -30.02 -12.15 -0.85
C VAL A 159 -30.08 -11.32 -2.12
N ILE A 160 -30.12 -12.02 -3.24
CA ILE A 160 -30.17 -11.44 -4.58
C ILE A 160 -31.55 -11.57 -5.15
N ALA A 161 -32.21 -10.44 -5.37
CA ALA A 161 -33.57 -10.42 -5.86
C ALA A 161 -33.75 -9.59 -7.14
N CYS A 162 -34.07 -10.26 -8.24
CA CYS A 162 -34.32 -9.52 -9.47
C CYS A 162 -35.80 -9.45 -9.78
N THR A 163 -36.14 -8.38 -10.48
CA THR A 163 -37.46 -8.08 -10.98
C THR A 163 -37.21 -7.60 -12.40
N LYS A 164 -38.25 -7.20 -13.11
CA LYS A 164 -38.14 -6.76 -14.51
C LYS A 164 -37.33 -5.46 -14.69
N GLU A 165 -37.31 -4.62 -13.67
CA GLU A 165 -36.63 -3.33 -13.79
C GLU A 165 -35.30 -3.24 -13.00
N GLY A 166 -35.19 -3.99 -11.91
CA GLY A 166 -34.02 -3.86 -11.07
C GLY A 166 -33.60 -5.10 -10.31
N VAL A 167 -32.34 -5.07 -9.88
CA VAL A 167 -31.78 -6.12 -9.05
C VAL A 167 -31.35 -5.52 -7.70
N LYS A 168 -31.52 -6.31 -6.65
CA LYS A 168 -31.33 -5.85 -5.30
C LYS A 168 -30.51 -6.85 -4.53
N PHE A 169 -29.50 -6.36 -3.83
CA PHE A 169 -28.67 -7.20 -2.99
C PHE A 169 -28.87 -6.77 -1.52
N SER A 170 -28.96 -7.76 -0.64
CA SER A 170 -29.37 -7.49 0.74
C SER A 170 -28.64 -8.35 1.76
N ALA A 171 -28.25 -7.74 2.87
CA ALA A 171 -27.55 -8.47 3.95
C ALA A 171 -27.95 -8.03 5.37
N ALA A 172 -28.16 -9.04 6.22
CA ALA A 172 -28.54 -8.83 7.61
C ALA A 172 -27.47 -9.40 8.56
N GLY A 173 -26.95 -8.54 9.43
CA GLY A 173 -25.99 -8.96 10.44
C GLY A 173 -26.45 -8.66 11.84
N ASP A 174 -25.69 -9.12 12.83
CA ASP A 174 -25.91 -8.73 14.23
C ASP A 174 -25.57 -7.25 14.39
N ILE A 175 -25.04 -6.65 13.33
CA ILE A 175 -24.71 -5.23 13.26
C ILE A 175 -25.88 -4.46 12.67
N GLY A 176 -26.03 -4.52 11.34
CA GLY A 176 -27.16 -3.87 10.69
C GLY A 176 -27.80 -4.64 9.54
N THR A 177 -28.84 -4.05 8.96
CA THR A 177 -29.37 -4.51 7.68
C THR A 177 -28.93 -3.52 6.58
N ALA A 178 -28.69 -4.07 5.39
CA ALA A 178 -28.05 -3.34 4.33
C ALA A 178 -28.63 -3.71 2.97
N ASN A 179 -29.07 -2.71 2.23
CA ASN A 179 -29.66 -2.93 0.91
C ASN A 179 -29.09 -2.04 -0.19
N ILE A 180 -28.43 -2.69 -1.15
CA ILE A 180 -27.91 -2.02 -2.32
C ILE A 180 -28.78 -2.37 -3.52
N LYS A 181 -29.09 -1.39 -4.37
CA LYS A 181 -30.05 -1.60 -5.45
C LYS A 181 -29.57 -1.02 -6.77
N LEU A 182 -29.56 -1.86 -7.81
CA LEU A 182 -29.27 -1.40 -9.17
C LEU A 182 -30.52 -1.41 -10.02
N ALA A 183 -30.74 -0.30 -10.70
CA ALA A 183 -31.81 -0.23 -11.69
C ALA A 183 -31.18 -0.61 -13.01
N GLN A 184 -31.98 -0.76 -14.05
CA GLN A 184 -31.51 -1.21 -15.36
C GLN A 184 -31.04 -0.05 -16.26
N THR A 185 -30.16 -0.36 -17.22
CA THR A 185 -29.46 0.64 -18.01
C THR A 185 -30.29 1.27 -19.12
N SER A 186 -30.64 2.53 -18.91
CA SER A 186 -31.30 3.37 -19.91
C SER A 186 -30.31 3.72 -21.03
N SER A 187 -30.73 3.48 -22.28
CA SER A 187 -29.87 3.57 -23.45
C SER A 187 -28.65 2.63 -23.29
N VAL A 188 -28.75 1.44 -23.90
CA VAL A 188 -27.74 0.39 -23.74
C VAL A 188 -26.32 0.88 -24.04
N ASP A 189 -25.65 1.39 -23.00
CA ASP A 189 -24.37 2.11 -23.14
C ASP A 189 -23.16 1.21 -22.86
N LYS A 190 -22.01 1.81 -22.57
CA LYS A 190 -20.76 1.08 -22.31
C LYS A 190 -20.94 0.04 -21.20
N GLU A 191 -20.41 -1.17 -21.40
CA GLU A 191 -20.68 -2.30 -20.49
C GLU A 191 -20.16 -2.11 -19.07
N GLU A 192 -19.20 -1.20 -18.91
CA GLU A 192 -18.70 -0.76 -17.61
C GLU A 192 -19.79 0.01 -16.86
N GLU A 193 -20.81 0.40 -17.60
CA GLU A 193 -21.84 1.27 -17.06
C GLU A 193 -23.20 0.57 -17.13
N ALA A 194 -23.22 -0.61 -17.73
CA ALA A 194 -24.47 -1.23 -18.10
C ALA A 194 -24.93 -2.37 -17.18
N VAL A 195 -26.10 -2.15 -16.58
CA VAL A 195 -26.90 -3.20 -15.94
C VAL A 195 -28.01 -3.60 -16.91
N VAL A 196 -28.05 -4.85 -17.35
CA VAL A 196 -29.17 -5.30 -18.19
C VAL A 196 -29.74 -6.67 -17.79
N ILE A 197 -31.04 -6.68 -17.49
CA ILE A 197 -31.72 -7.86 -16.98
C ILE A 197 -32.67 -8.44 -18.02
N GLU A 198 -32.44 -9.69 -18.43
CA GLU A 198 -33.48 -10.41 -19.15
C GLU A 198 -34.23 -11.26 -18.14
N MET A 199 -35.50 -10.93 -17.98
CA MET A 199 -36.28 -11.33 -16.83
C MET A 199 -37.54 -12.06 -17.26
N GLN A 200 -37.56 -13.37 -17.10
CA GLN A 200 -38.75 -14.16 -17.40
C GLN A 200 -39.78 -14.00 -16.27
N GLU A 201 -39.51 -14.65 -15.14
CA GLU A 201 -40.26 -14.44 -13.91
C GLU A 201 -39.28 -14.21 -12.75
N PRO A 202 -39.60 -13.27 -11.85
CA PRO A 202 -38.69 -12.88 -10.75
C PRO A 202 -38.05 -14.03 -9.98
N VAL A 203 -36.78 -13.85 -9.66
CA VAL A 203 -36.06 -14.81 -8.84
C VAL A 203 -35.51 -14.11 -7.59
N THR A 204 -35.47 -14.85 -6.48
CA THR A 204 -34.91 -14.35 -5.24
C THR A 204 -34.16 -15.45 -4.48
N LEU A 205 -32.82 -15.40 -4.54
CA LEU A 205 -32.00 -16.46 -3.94
C LEU A 205 -31.00 -15.98 -2.88
N THR A 206 -30.63 -16.88 -1.97
CA THR A 206 -29.59 -16.63 -0.98
C THR A 206 -28.31 -17.35 -1.36
N PHE A 207 -27.18 -16.65 -1.27
CA PHE A 207 -25.90 -17.29 -1.54
C PHE A 207 -24.91 -17.07 -0.39
N ALA A 208 -23.86 -17.89 -0.30
CA ALA A 208 -22.82 -17.62 0.68
C ALA A 208 -21.86 -16.54 0.19
N CYS A 209 -21.16 -15.92 1.13
CA CYS A 209 -20.47 -14.67 0.84
C CYS A 209 -19.00 -14.82 0.46
N ARG A 210 -18.25 -15.61 1.24
CA ARG A 210 -16.84 -15.82 0.94
C ARG A 210 -16.67 -16.23 -0.52
N TYR A 211 -17.60 -17.03 -1.01
CA TYR A 211 -17.58 -17.48 -2.38
C TYR A 211 -17.79 -16.36 -3.41
N LEU A 212 -18.81 -15.52 -3.22
CA LEU A 212 -18.95 -14.38 -4.11
C LEU A 212 -17.65 -13.59 -4.11
N ASN A 213 -17.10 -13.38 -2.92
CA ASN A 213 -15.88 -12.58 -2.77
C ASN A 213 -14.70 -13.15 -3.54
N MET A 214 -14.62 -14.47 -3.61
CA MET A 214 -13.54 -15.10 -4.37
C MET A 214 -13.83 -15.09 -5.88
N PHE A 215 -15.09 -15.23 -6.26
CA PHE A 215 -15.43 -15.17 -7.70
C PHE A 215 -15.13 -13.77 -8.22
N THR A 216 -15.17 -12.80 -7.33
CA THR A 216 -14.95 -11.44 -7.78
C THR A 216 -13.48 -11.15 -7.93
N LYS A 217 -12.66 -12.18 -7.74
CA LYS A 217 -11.22 -12.05 -7.94
C LYS A 217 -11.02 -11.83 -9.43
N ALA A 218 -12.00 -12.28 -10.19
CA ALA A 218 -11.86 -12.35 -11.62
C ALA A 218 -12.20 -11.02 -12.25
N THR A 219 -12.54 -10.06 -11.40
CA THR A 219 -12.99 -8.77 -11.90
C THR A 219 -12.10 -8.08 -13.00
N PRO A 220 -10.75 -8.13 -12.87
CA PRO A 220 -9.98 -7.41 -13.91
C PRO A 220 -10.24 -7.91 -15.33
N LEU A 221 -10.32 -9.24 -15.48
CA LEU A 221 -10.46 -9.94 -16.76
C LEU A 221 -11.47 -9.27 -17.71
N SER A 222 -12.67 -9.03 -17.19
CA SER A 222 -13.68 -8.27 -17.91
C SER A 222 -14.21 -7.12 -17.06
N PRO A 223 -14.51 -5.98 -17.70
CA PRO A 223 -15.20 -4.87 -17.05
C PRO A 223 -16.69 -5.16 -16.83
N GLN A 224 -17.12 -6.35 -17.25
CA GLN A 224 -18.49 -6.83 -17.10
C GLN A 224 -18.53 -8.24 -16.41
N VAL A 225 -19.70 -8.65 -15.94
CA VAL A 225 -19.87 -9.93 -15.27
C VAL A 225 -21.34 -10.25 -15.44
N SER A 226 -21.73 -11.53 -15.34
CA SER A 226 -23.12 -11.87 -15.65
C SER A 226 -23.76 -13.01 -14.81
N LEU A 227 -24.66 -12.61 -13.91
CA LEU A 227 -25.29 -13.52 -12.97
C LEU A 227 -26.55 -14.12 -13.57
N SER A 228 -26.49 -15.42 -13.85
CA SER A 228 -27.66 -16.11 -14.37
C SER A 228 -28.26 -16.95 -13.25
N MET A 229 -29.55 -16.75 -13.01
CA MET A 229 -30.22 -17.37 -11.87
C MET A 229 -31.54 -18.04 -12.21
N SER A 230 -31.76 -19.22 -11.65
CA SER A 230 -33.05 -19.89 -11.69
C SER A 230 -33.23 -20.56 -10.34
N PRO A 231 -34.49 -20.88 -9.98
CA PRO A 231 -34.70 -21.53 -8.68
C PRO A 231 -34.17 -22.96 -8.63
N ASP A 232 -33.57 -23.32 -7.50
CA ASP A 232 -33.04 -24.66 -7.23
C ASP A 232 -31.85 -25.11 -8.09
N VAL A 233 -31.61 -24.42 -9.20
CA VAL A 233 -30.38 -24.62 -9.99
C VAL A 233 -29.29 -23.63 -9.52
N PRO A 234 -28.03 -24.08 -9.46
CA PRO A 234 -26.88 -23.23 -9.10
C PRO A 234 -26.80 -21.87 -9.83
N LEU A 235 -25.94 -20.98 -9.33
CA LEU A 235 -25.79 -19.64 -9.90
C LEU A 235 -24.48 -19.49 -10.68
N VAL A 236 -24.57 -18.83 -11.82
CA VAL A 236 -23.40 -18.69 -12.68
C VAL A 236 -22.87 -17.27 -12.79
N VAL A 237 -21.71 -17.06 -12.19
CA VAL A 237 -20.98 -15.80 -12.32
C VAL A 237 -20.00 -16.00 -13.45
N GLU A 238 -20.19 -15.28 -14.55
CA GLU A 238 -19.37 -15.52 -15.74
C GLU A 238 -18.58 -14.29 -16.12
N TYR A 239 -17.26 -14.37 -15.96
CA TYR A 239 -16.38 -13.34 -16.53
C TYR A 239 -15.82 -13.76 -17.91
N ALA A 240 -16.07 -12.95 -18.93
CA ALA A 240 -15.40 -13.09 -20.24
C ALA A 240 -13.91 -12.81 -20.07
N ILE A 241 -13.08 -13.73 -20.56
CA ILE A 241 -11.63 -13.53 -20.55
C ILE A 241 -11.20 -12.72 -21.79
N GLY A 242 -12.16 -12.06 -22.42
CA GLY A 242 -11.87 -11.07 -23.44
C GLY A 242 -11.31 -11.66 -24.71
N GLU A 243 -12.21 -12.23 -25.51
CA GLU A 243 -11.92 -12.71 -26.88
C GLU A 243 -11.20 -14.07 -26.97
N ILE A 244 -10.70 -14.57 -25.84
CA ILE A 244 -10.01 -15.85 -25.82
C ILE A 244 -10.86 -16.94 -25.17
N GLY A 245 -11.83 -16.52 -24.39
CA GLY A 245 -12.73 -17.44 -23.75
C GLY A 245 -13.41 -16.83 -22.54
N HIS A 246 -13.58 -17.64 -21.50
CA HIS A 246 -14.21 -17.16 -20.29
C HIS A 246 -14.30 -18.19 -19.18
N ILE A 247 -14.50 -17.65 -18.00
CA ILE A 247 -14.46 -18.40 -16.77
C ILE A 247 -15.81 -18.29 -16.09
N ARG A 248 -16.33 -19.44 -15.71
CA ARG A 248 -17.61 -19.53 -15.04
C ARG A 248 -17.41 -20.08 -13.62
N TYR A 249 -18.07 -19.41 -12.68
CA TYR A 249 -18.08 -19.80 -11.29
C TYR A 249 -19.47 -20.27 -10.99
N PHE A 250 -19.58 -21.47 -10.43
CA PHE A 250 -20.89 -22.07 -10.16
C PHE A 250 -21.05 -22.23 -8.67
N LEU A 251 -22.19 -21.76 -8.18
CA LEU A 251 -22.44 -21.79 -6.76
C LEU A 251 -23.90 -22.19 -6.45
N ALA A 252 -24.06 -23.02 -5.43
CA ALA A 252 -25.39 -23.43 -4.99
C ALA A 252 -25.94 -22.44 -3.96
N PRO A 253 -27.26 -22.12 -4.06
CA PRO A 253 -28.02 -21.39 -3.05
C PRO A 253 -28.22 -22.22 -1.79
N LYS A 254 -28.80 -21.60 -0.75
CA LYS A 254 -29.01 -22.25 0.53
C LYS A 254 -30.45 -22.03 0.91
N ILE A 255 -30.74 -22.22 2.20
CA ILE A 255 -32.06 -21.95 2.77
C ILE A 255 -33.16 -22.74 2.08
N MET B 1 35.25 21.87 13.63
CA MET B 1 34.23 20.84 13.71
C MET B 1 34.08 20.08 12.40
N PHE B 2 32.92 19.43 12.28
CA PHE B 2 32.52 18.72 11.07
C PHE B 2 31.11 19.19 10.67
N GLU B 3 31.00 19.63 9.42
CA GLU B 3 29.76 20.10 8.86
C GLU B 3 29.70 19.73 7.40
N ALA B 4 29.12 18.56 7.14
CA ALA B 4 28.81 18.13 5.80
C ALA B 4 27.34 18.39 5.44
N ARG B 5 27.14 19.21 4.41
CA ARG B 5 25.79 19.68 4.07
C ARG B 5 25.40 19.34 2.65
N LEU B 6 24.63 18.27 2.46
CA LEU B 6 24.19 17.85 1.12
C LEU B 6 22.94 18.56 0.64
N VAL B 7 23.06 19.17 -0.54
CA VAL B 7 21.94 19.83 -1.17
C VAL B 7 20.67 18.93 -1.28
N GLN B 8 20.86 17.67 -1.68
CA GLN B 8 19.77 16.70 -1.83
C GLN B 8 19.70 15.66 -0.72
N GLY B 9 19.09 16.04 0.41
CA GLY B 9 18.98 15.16 1.57
C GLY B 9 18.56 13.72 1.29
N SER B 10 17.56 13.56 0.41
CA SER B 10 17.09 12.27 -0.08
C SER B 10 18.22 11.25 -0.16
N LEU B 11 19.32 11.65 -0.80
CA LEU B 11 20.46 10.79 -1.04
C LEU B 11 20.92 10.00 0.17
N LEU B 12 21.08 10.72 1.29
CA LEU B 12 21.61 10.11 2.51
C LEU B 12 20.66 9.02 2.96
N LYS B 13 19.38 9.37 2.94
CA LYS B 13 18.32 8.47 3.35
C LYS B 13 18.39 7.20 2.51
N LYS B 14 18.63 7.38 1.21
CA LYS B 14 18.54 6.26 0.30
C LYS B 14 19.57 5.30 0.82
N VAL B 15 20.73 5.87 1.16
CA VAL B 15 21.92 5.13 1.60
C VAL B 15 21.66 4.38 2.88
N LEU B 16 20.94 5.02 3.78
CA LEU B 16 20.54 4.35 5.00
C LEU B 16 19.76 3.08 4.67
N GLU B 17 18.83 3.19 3.73
CA GLU B 17 18.03 2.05 3.32
C GLU B 17 18.92 0.98 2.78
N ALA B 18 19.95 1.40 2.07
CA ALA B 18 20.84 0.47 1.40
C ALA B 18 21.65 -0.35 2.42
N ILE B 19 21.70 0.13 3.65
CA ILE B 19 22.44 -0.57 4.70
C ILE B 19 21.51 -1.13 5.75
N LYS B 20 20.93 -0.21 6.53
CA LYS B 20 19.96 -0.41 7.61
C LYS B 20 19.68 -1.83 8.10
N ASP B 21 19.30 -2.69 7.17
CA ASP B 21 18.93 -4.06 7.52
C ASP B 21 20.15 -4.99 7.60
N LEU B 22 21.25 -4.59 6.95
CA LEU B 22 22.48 -5.35 6.91
C LEU B 22 23.25 -5.15 8.21
N LEU B 23 23.61 -3.89 8.50
CA LEU B 23 24.52 -3.53 9.59
C LEU B 23 23.77 -2.78 10.66
N ASN B 24 23.84 -3.26 11.89
CA ASN B 24 23.08 -2.60 12.96
C ASN B 24 23.86 -1.52 13.73
N GLU B 25 25.15 -1.38 13.42
CA GLU B 25 25.97 -0.30 14.01
C GLU B 25 27.23 0.01 13.20
N ALA B 26 27.38 1.27 12.80
CA ALA B 26 28.48 1.64 11.91
C ALA B 26 29.29 2.89 12.32
N SER B 27 30.57 2.87 11.96
CA SER B 27 31.42 4.03 12.20
C SER B 27 31.69 4.75 10.89
N TRP B 28 31.20 5.98 10.80
CA TRP B 28 31.45 6.82 9.66
C TRP B 28 32.78 7.55 9.87
N ASP B 29 33.76 7.21 9.03
CA ASP B 29 35.06 7.88 9.07
C ASP B 29 35.02 9.19 8.27
N CYS B 30 35.38 10.28 8.94
CA CYS B 30 35.41 11.59 8.30
C CYS B 30 36.83 12.12 8.17
N ALA B 31 37.14 12.67 6.99
CA ALA B 31 38.44 13.25 6.68
C ALA B 31 38.25 14.29 5.58
N ASP B 32 39.34 14.87 5.10
CA ASP B 32 39.27 16.03 4.22
C ASP B 32 38.63 15.79 2.85
N SER B 33 38.59 14.54 2.39
CA SER B 33 37.83 14.27 1.15
C SER B 33 36.42 13.74 1.43
N GLY B 34 36.16 13.28 2.63
CA GLY B 34 34.81 12.88 2.94
C GLY B 34 34.65 11.68 3.84
N ILE B 35 33.43 11.17 3.84
CA ILE B 35 33.05 10.11 4.74
C ILE B 35 33.22 8.75 4.06
N GLN B 36 33.47 7.75 4.89
CA GLN B 36 33.89 6.46 4.40
C GLN B 36 33.42 5.48 5.45
N LEU B 37 32.78 4.39 5.01
CA LEU B 37 32.12 3.46 5.91
C LEU B 37 32.47 2.01 5.63
N GLN B 38 33.02 1.34 6.62
CA GLN B 38 33.46 -0.04 6.46
C GLN B 38 32.85 -0.96 7.49
N ALA B 39 32.00 -1.89 7.05
CA ALA B 39 31.41 -2.84 7.99
C ALA B 39 31.10 -4.24 7.45
N MET B 40 31.19 -5.20 8.36
CA MET B 40 30.93 -6.61 8.07
C MET B 40 29.60 -6.97 8.73
N ASP B 41 28.65 -7.47 7.95
CA ASP B 41 27.24 -7.55 8.38
C ASP B 41 26.95 -8.34 9.67
N ASN B 42 25.71 -8.24 10.16
CA ASN B 42 25.27 -8.93 11.38
C ASN B 42 25.82 -10.34 11.48
N SER B 43 25.74 -11.07 10.38
CA SER B 43 26.12 -12.47 10.34
C SER B 43 27.51 -12.71 9.74
N HIS B 44 28.28 -11.64 9.59
CA HIS B 44 29.67 -11.71 9.11
C HIS B 44 29.88 -12.51 7.81
N VAL B 45 29.17 -12.11 6.75
CA VAL B 45 29.30 -12.74 5.44
C VAL B 45 29.53 -11.71 4.34
N SER B 46 28.63 -10.74 4.23
CA SER B 46 28.81 -9.65 3.28
C SER B 46 29.63 -8.49 3.86
N LEU B 47 30.10 -7.61 2.97
CA LEU B 47 30.87 -6.47 3.42
C LEU B 47 30.39 -5.20 2.74
N VAL B 48 30.04 -4.19 3.53
CA VAL B 48 29.74 -2.90 2.95
C VAL B 48 30.88 -1.91 3.04
N SER B 49 31.09 -1.22 1.93
CA SER B 49 32.09 -0.16 1.86
C SER B 49 31.45 1.01 1.16
N LEU B 50 31.49 2.15 1.81
CA LEU B 50 30.82 3.32 1.29
C LEU B 50 31.78 4.47 1.20
N ASN B 51 31.79 5.15 0.05
CA ASN B 51 32.51 6.41 -0.02
C ASN B 51 31.66 7.57 -0.46
N LEU B 52 31.87 8.70 0.22
CA LEU B 52 31.24 9.96 -0.11
C LEU B 52 32.27 11.08 -0.07
N ARG B 53 32.40 11.75 -1.20
CA ARG B 53 33.51 12.66 -1.43
C ARG B 53 33.16 14.15 -1.25
N ALA B 54 33.96 14.85 -0.47
CA ALA B 54 33.97 16.30 -0.38
C ALA B 54 33.32 17.06 -1.53
N LYS B 55 33.80 16.82 -2.74
CA LYS B 55 33.36 17.58 -3.91
C LYS B 55 31.82 17.48 -4.14
N GLY B 56 31.23 16.39 -3.65
CA GLY B 56 29.82 16.12 -3.82
C GLY B 56 28.85 16.83 -2.87
N PHE B 57 29.29 17.12 -1.66
CA PHE B 57 28.47 17.86 -0.72
C PHE B 57 28.44 19.33 -1.17
N ASP B 58 27.36 20.02 -0.84
CA ASP B 58 27.27 21.44 -1.14
C ASP B 58 28.24 22.18 -0.23
N LYS B 59 28.42 21.66 0.98
CA LYS B 59 29.45 22.16 1.91
C LYS B 59 30.04 21.04 2.76
N TYR B 60 31.33 20.77 2.54
CA TYR B 60 32.07 19.79 3.33
C TYR B 60 33.11 20.46 4.23
N ARG B 61 33.39 19.86 5.38
CA ARG B 61 34.36 20.43 6.30
C ARG B 61 34.74 19.55 7.48
N CYS B 62 35.82 18.78 7.32
CA CYS B 62 36.38 18.05 8.44
C CYS B 62 37.80 18.55 8.71
N ASP B 63 37.91 19.51 9.64
CA ASP B 63 39.19 20.07 10.10
C ASP B 63 40.07 18.93 10.60
N ARG B 64 39.69 18.39 11.76
CA ARG B 64 40.34 17.23 12.37
C ARG B 64 39.80 15.92 11.75
N ASN B 65 39.90 14.80 12.48
CA ASN B 65 39.41 13.51 11.96
C ASN B 65 38.41 12.89 12.92
N LEU B 66 37.33 12.33 12.36
CA LEU B 66 36.24 11.72 13.14
C LEU B 66 35.83 10.28 12.79
N ILE B 67 35.96 9.39 13.78
CA ILE B 67 35.25 8.12 13.76
C ILE B 67 33.96 8.38 14.49
N MET B 68 32.89 8.66 13.75
CA MET B 68 31.57 8.79 14.38
C MET B 68 30.96 7.41 14.53
N GLY B 69 30.59 7.02 15.75
CA GLY B 69 30.00 5.71 16.00
C GLY B 69 28.48 5.68 16.00
N MET B 70 27.87 6.01 14.86
CA MET B 70 26.42 6.12 14.81
C MET B 70 25.79 4.73 14.75
N ASN B 71 24.75 4.52 15.55
CA ASN B 71 23.88 3.36 15.35
C ASN B 71 22.95 3.64 14.17
N LEU B 72 22.79 2.65 13.31
CA LEU B 72 22.16 2.84 12.02
C LEU B 72 20.65 2.84 12.06
N THR B 73 20.05 2.05 12.95
CA THR B 73 18.59 2.03 13.05
C THR B 73 18.06 3.38 13.55
N SER B 74 18.71 3.91 14.59
CA SER B 74 18.31 5.18 15.18
C SER B 74 18.48 6.27 14.14
N MET B 75 19.64 6.23 13.52
CA MET B 75 19.95 7.17 12.46
C MET B 75 18.90 7.09 11.34
N SER B 76 18.38 5.89 11.13
CA SER B 76 17.36 5.62 10.12
C SER B 76 16.00 6.24 10.49
N LYS B 77 15.63 6.19 11.79
CA LYS B 77 14.46 6.95 12.26
C LYS B 77 14.63 8.41 11.90
N ILE B 78 15.80 8.94 12.22
CA ILE B 78 16.04 10.36 12.00
C ILE B 78 15.94 10.78 10.54
N LEU B 79 16.73 10.16 9.68
CA LEU B 79 16.58 10.42 8.25
C LEU B 79 15.11 10.25 7.80
N LYS B 80 14.49 9.12 8.16
CA LYS B 80 13.06 8.90 7.89
C LYS B 80 12.18 10.08 8.29
N CYS B 81 12.65 10.93 9.20
CA CYS B 81 11.91 12.16 9.46
C CYS B 81 12.20 13.30 8.47
N ALA B 82 13.18 13.13 7.59
CA ALA B 82 13.42 14.16 6.59
C ALA B 82 12.35 14.09 5.52
N ALA B 83 12.28 15.14 4.68
CA ALA B 83 11.55 15.13 3.40
C ALA B 83 12.53 15.03 2.24
N ASN B 84 12.02 15.07 1.00
CA ASN B 84 12.85 14.91 -0.20
C ASN B 84 13.20 16.22 -0.91
N ASP B 85 13.38 17.25 -0.12
CA ASP B 85 13.96 18.49 -0.59
C ASP B 85 14.71 19.02 0.60
N ASP B 86 14.73 18.20 1.65
CA ASP B 86 15.31 18.57 2.92
C ASP B 86 16.84 18.65 2.90
N ILE B 87 17.39 19.74 3.45
CA ILE B 87 18.83 19.93 3.47
C ILE B 87 19.40 19.29 4.72
N ILE B 88 19.97 18.08 4.61
CA ILE B 88 20.56 17.46 5.78
C ILE B 88 21.81 18.25 6.12
N THR B 89 22.18 18.26 7.39
CA THR B 89 23.54 18.63 7.74
C THR B 89 23.92 17.88 9.00
N MET B 90 24.76 16.86 8.81
CA MET B 90 25.47 16.31 9.95
C MET B 90 26.32 17.43 10.55
N LYS B 91 26.52 17.39 11.85
CA LYS B 91 27.44 18.32 12.48
C LYS B 91 28.01 17.67 13.73
N ALA B 92 29.27 17.98 14.03
CA ALA B 92 29.88 17.44 15.26
C ALA B 92 31.09 18.24 15.71
N GLN B 93 31.35 18.27 17.02
CA GLN B 93 32.58 18.88 17.55
C GLN B 93 33.71 17.91 17.37
N ASP B 94 34.87 18.21 17.93
CA ASP B 94 36.02 17.33 17.76
C ASP B 94 35.75 15.95 18.34
N ASN B 95 35.80 15.82 19.67
CA ASN B 95 35.49 14.54 20.29
C ASN B 95 34.02 14.48 20.65
N ALA B 96 33.18 15.02 19.77
CA ALA B 96 31.73 15.13 19.98
C ALA B 96 31.13 13.79 20.40
N ASP B 97 30.40 13.79 21.51
CA ASP B 97 29.71 12.60 21.99
C ASP B 97 28.31 12.51 21.35
N THR B 98 28.11 13.36 20.33
CA THR B 98 26.81 13.52 19.69
C THR B 98 26.97 14.06 18.28
N VAL B 99 26.19 13.54 17.33
CA VAL B 99 26.09 14.16 16.01
C VAL B 99 24.71 14.71 15.76
N THR B 100 24.69 15.87 15.14
CA THR B 100 23.47 16.57 14.88
C THR B 100 23.16 16.56 13.36
N PHE B 101 21.94 16.12 13.00
CA PHE B 101 21.44 16.40 11.66
C PHE B 101 20.39 17.50 11.82
N MET B 102 20.34 18.38 10.84
CA MET B 102 19.58 19.61 10.97
C MET B 102 19.04 20.01 9.60
N PHE B 103 17.74 19.71 9.41
CA PHE B 103 17.02 19.81 8.13
C PHE B 103 16.39 21.16 7.98
N GLU B 104 16.65 21.77 6.83
CA GLU B 104 16.05 23.04 6.49
C GLU B 104 15.13 22.74 5.33
N SER B 105 14.36 23.73 4.91
CA SER B 105 13.47 23.55 3.77
C SER B 105 13.69 24.65 2.76
N PRO B 106 13.62 24.30 1.47
CA PRO B 106 13.84 25.22 0.35
C PRO B 106 12.68 26.18 0.09
N ASN B 107 11.46 25.63 0.11
CA ASN B 107 10.23 26.39 -0.10
C ASN B 107 9.30 26.34 1.13
N GLN B 108 9.92 26.19 2.31
CA GLN B 108 9.23 26.34 3.59
C GLN B 108 10.15 26.99 4.61
N GLU B 109 9.67 27.14 5.84
CA GLU B 109 10.54 27.58 6.94
C GLU B 109 10.29 26.82 8.22
N LYS B 110 10.30 25.50 8.11
CA LYS B 110 10.45 24.65 9.26
C LYS B 110 11.91 24.23 9.31
N VAL B 111 12.42 24.04 10.53
CA VAL B 111 13.83 23.72 10.70
C VAL B 111 14.00 22.63 11.76
N SER B 112 14.17 21.41 11.28
CA SER B 112 14.28 20.27 12.17
C SER B 112 15.71 20.21 12.70
N ASP B 113 15.87 19.49 13.80
CA ASP B 113 17.18 19.33 14.41
C ASP B 113 17.16 18.14 15.35
N TYR B 114 17.82 17.09 14.94
CA TYR B 114 17.86 15.86 15.71
C TYR B 114 19.30 15.55 16.10
N GLU B 115 19.52 15.39 17.40
CA GLU B 115 20.83 15.00 17.91
C GLU B 115 20.80 13.54 18.33
N MET B 116 21.65 12.74 17.70
CA MET B 116 21.78 11.38 18.20
C MET B 116 23.11 11.13 18.87
N LYS B 117 23.07 10.07 19.67
CA LYS B 117 24.19 9.64 20.50
C LYS B 117 25.19 8.76 19.75
N LEU B 118 26.47 9.05 19.95
CA LEU B 118 27.54 8.35 19.26
C LEU B 118 28.11 7.23 20.12
N MET B 119 28.44 6.10 19.49
CA MET B 119 28.91 4.92 20.20
C MET B 119 30.39 4.73 19.93
N ASN B 120 31.03 3.93 20.77
CA ASN B 120 32.41 3.54 20.53
C ASN B 120 32.48 2.16 19.88
N LEU B 121 33.42 1.99 18.96
CA LEU B 121 33.62 0.70 18.31
C LEU B 121 35.11 0.42 18.10
N ASP B 122 35.42 -0.85 17.86
CA ASP B 122 36.68 -1.20 17.22
C ASP B 122 36.39 -1.07 15.73
N GLN B 123 37.36 -0.66 14.92
CA GLN B 123 37.10 -0.66 13.49
C GLN B 123 38.07 -1.53 12.73
N GLU B 124 37.52 -2.61 12.18
CA GLU B 124 38.28 -3.65 11.48
C GLU B 124 38.29 -3.47 9.98
N HIS B 125 39.11 -2.54 9.51
CA HIS B 125 39.24 -2.28 8.09
C HIS B 125 40.01 -3.42 7.40
N LEU B 126 39.32 -4.53 7.15
CA LEU B 126 39.81 -5.53 6.23
C LEU B 126 39.76 -4.87 4.86
N GLY B 127 40.88 -4.85 4.15
CA GLY B 127 40.95 -4.18 2.86
C GLY B 127 40.02 -4.77 1.82
N ILE B 128 40.15 -4.29 0.59
CA ILE B 128 39.35 -4.80 -0.52
C ILE B 128 40.21 -5.51 -1.56
N PRO B 129 41.07 -6.46 -1.10
CA PRO B 129 42.25 -6.95 -1.81
C PRO B 129 42.12 -6.79 -3.31
N GLU B 130 42.56 -5.64 -3.80
CA GLU B 130 42.22 -5.22 -5.16
C GLU B 130 42.72 -6.10 -6.31
N THR B 131 41.76 -6.63 -7.06
CA THR B 131 42.04 -7.47 -8.20
C THR B 131 41.46 -6.80 -9.44
N ASP B 132 41.89 -7.27 -10.61
CA ASP B 132 41.20 -7.02 -11.86
C ASP B 132 40.40 -8.27 -12.16
N TYR B 133 39.09 -8.15 -12.09
CA TYR B 133 38.21 -9.32 -12.10
C TYR B 133 38.12 -9.90 -13.50
N ALA B 134 37.74 -11.18 -13.57
CA ALA B 134 37.62 -11.88 -14.84
C ALA B 134 36.44 -11.41 -15.69
N CYS B 135 35.42 -10.83 -15.07
CA CYS B 135 34.19 -10.43 -15.78
C CYS B 135 33.40 -9.29 -15.18
N VAL B 136 33.28 -8.19 -15.92
CA VAL B 136 32.56 -7.03 -15.40
C VAL B 136 31.24 -6.88 -16.12
N ILE B 137 30.17 -7.07 -15.38
CA ILE B 137 28.84 -6.85 -15.90
C ILE B 137 28.35 -5.51 -15.40
N LYS B 138 27.94 -4.65 -16.32
CA LYS B 138 27.12 -3.50 -15.95
C LYS B 138 25.71 -3.84 -16.39
N LEU B 139 24.71 -3.41 -15.64
CA LEU B 139 23.29 -3.72 -15.96
C LEU B 139 22.34 -2.80 -15.20
N PRO B 140 21.09 -2.65 -15.67
CA PRO B 140 20.11 -1.82 -14.96
C PRO B 140 19.81 -2.32 -13.55
N SER B 141 19.83 -1.40 -12.59
CA SER B 141 19.89 -1.75 -11.16
C SER B 141 18.61 -2.37 -10.73
N GLY B 142 17.55 -1.87 -11.36
CA GLY B 142 16.17 -2.28 -11.09
C GLY B 142 15.83 -3.56 -11.83
N GLU B 143 16.52 -3.77 -12.94
CA GLU B 143 16.48 -5.05 -13.59
C GLU B 143 17.11 -6.09 -12.68
N PHE B 144 18.34 -5.82 -12.23
CA PHE B 144 19.04 -6.73 -11.33
C PHE B 144 18.15 -7.02 -10.15
N ALA B 145 17.45 -5.98 -9.69
CA ALA B 145 16.57 -6.09 -8.52
C ALA B 145 15.39 -7.01 -8.75
N ARG B 146 14.69 -6.76 -9.86
CA ARG B 146 13.57 -7.59 -10.26
C ARG B 146 14.01 -9.06 -10.33
N ILE B 147 15.19 -9.26 -10.90
CA ILE B 147 15.76 -10.59 -11.05
C ILE B 147 15.99 -11.29 -9.70
N CYS B 148 16.65 -10.58 -8.79
CA CYS B 148 17.02 -11.17 -7.52
C CYS B 148 15.79 -11.52 -6.73
N ARG B 149 14.81 -10.62 -6.71
CA ARG B 149 13.59 -10.85 -5.96
C ARG B 149 12.87 -12.08 -6.52
N ASP B 150 12.59 -12.07 -7.82
CA ASP B 150 11.96 -13.22 -8.47
C ASP B 150 12.63 -14.56 -8.09
N LEU B 151 13.90 -14.74 -8.43
CA LEU B 151 14.55 -16.06 -8.26
C LEU B 151 14.73 -16.57 -6.83
N SER B 152 14.21 -15.86 -5.85
CA SER B 152 14.45 -16.23 -4.46
C SER B 152 13.42 -17.24 -4.03
N GLN B 153 12.34 -17.29 -4.79
CA GLN B 153 11.19 -18.10 -4.47
C GLN B 153 11.42 -19.55 -4.85
N PHE B 154 12.56 -19.82 -5.45
CA PHE B 154 12.91 -21.18 -5.84
C PHE B 154 14.04 -21.73 -4.97
N GLY B 155 15.26 -21.25 -5.21
CA GLY B 155 16.39 -21.70 -4.45
C GLY B 155 16.81 -20.78 -3.30
N GLU B 156 17.78 -21.24 -2.54
CA GLU B 156 18.44 -20.43 -1.54
C GLU B 156 19.69 -19.84 -2.17
N SER B 157 20.00 -20.29 -3.37
CA SER B 157 21.26 -19.94 -4.03
C SER B 157 21.04 -19.56 -5.50
N ILE B 158 21.89 -18.70 -6.05
CA ILE B 158 21.77 -18.25 -7.43
C ILE B 158 23.02 -18.52 -8.25
N VAL B 159 22.84 -19.14 -9.40
CA VAL B 159 23.98 -19.37 -10.28
C VAL B 159 24.07 -18.32 -11.39
N ILE B 160 25.16 -17.56 -11.33
CA ILE B 160 25.45 -16.46 -12.24
C ILE B 160 26.52 -16.89 -13.21
N ALA B 161 26.15 -16.94 -14.49
CA ALA B 161 27.08 -17.41 -15.53
C ALA B 161 27.22 -16.41 -16.66
N CYS B 162 28.39 -15.82 -16.78
CA CYS B 162 28.64 -14.92 -17.91
C CYS B 162 29.45 -15.61 -19.01
N THR B 163 29.18 -15.13 -20.23
CA THR B 163 29.89 -15.50 -21.43
C THR B 163 30.13 -14.18 -22.14
N LYS B 164 30.75 -14.22 -23.32
CA LYS B 164 31.09 -13.01 -24.07
C LYS B 164 29.85 -12.22 -24.53
N GLU B 165 28.73 -12.90 -24.69
CA GLU B 165 27.56 -12.23 -25.22
C GLU B 165 26.44 -12.01 -24.23
N GLY B 166 26.34 -12.89 -23.23
CA GLY B 166 25.25 -12.79 -22.29
C GLY B 166 25.53 -13.27 -20.89
N VAL B 167 24.69 -12.83 -19.97
CA VAL B 167 24.75 -13.28 -18.59
C VAL B 167 23.45 -14.00 -18.25
N LYS B 168 23.56 -15.02 -17.41
CA LYS B 168 22.43 -15.89 -17.10
C LYS B 168 22.35 -16.12 -15.61
N PHE B 169 21.15 -15.99 -15.07
CA PHE B 169 20.91 -16.25 -13.67
C PHE B 169 19.96 -17.43 -13.53
N SER B 170 20.27 -18.32 -12.61
CA SER B 170 19.60 -19.62 -12.54
C SER B 170 19.32 -20.10 -11.09
N ALA B 171 18.13 -20.65 -10.87
CA ALA B 171 17.77 -21.15 -9.54
C ALA B 171 16.94 -22.44 -9.58
N ALA B 172 17.32 -23.36 -8.71
CA ALA B 172 16.63 -24.65 -8.56
C ALA B 172 16.02 -24.81 -7.18
N GLY B 173 14.72 -25.06 -7.12
CA GLY B 173 14.06 -25.30 -5.85
C GLY B 173 13.36 -26.64 -5.82
N ASP B 174 12.83 -27.01 -4.65
CA ASP B 174 11.95 -28.18 -4.55
C ASP B 174 10.65 -27.91 -5.31
N ILE B 175 10.51 -26.67 -5.80
CA ILE B 175 9.39 -26.24 -6.61
C ILE B 175 9.71 -26.42 -8.08
N GLY B 176 10.50 -25.49 -8.61
CA GLY B 176 10.93 -25.58 -10.00
C GLY B 176 12.35 -25.17 -10.28
N THR B 177 12.73 -25.25 -11.55
CA THR B 177 13.96 -24.64 -12.04
C THR B 177 13.59 -23.39 -12.84
N ALA B 178 14.47 -22.39 -12.76
CA ALA B 178 14.16 -21.07 -13.28
C ALA B 178 15.39 -20.45 -13.87
N ASN B 179 15.27 -20.00 -15.12
CA ASN B 179 16.38 -19.35 -15.81
C ASN B 179 16.03 -18.03 -16.49
N ILE B 180 16.65 -16.96 -15.98
CA ILE B 180 16.53 -15.64 -16.57
C ILE B 180 17.82 -15.28 -17.31
N LYS B 181 17.69 -14.68 -18.49
CA LYS B 181 18.87 -14.45 -19.34
C LYS B 181 18.90 -13.06 -19.94
N LEU B 182 20.01 -12.36 -19.75
CA LEU B 182 20.21 -11.07 -20.37
C LEU B 182 21.27 -11.17 -21.44
N ALA B 183 20.94 -10.65 -22.62
CA ALA B 183 21.91 -10.48 -23.68
C ALA B 183 22.56 -9.12 -23.51
N GLN B 184 23.59 -8.84 -24.30
CA GLN B 184 24.31 -7.58 -24.17
C GLN B 184 23.74 -6.43 -25.02
N THR B 185 24.00 -5.20 -24.61
CA THR B 185 23.33 -4.03 -25.19
C THR B 185 23.86 -3.58 -26.54
N SER B 186 23.05 -3.81 -27.57
CA SER B 186 23.28 -3.31 -28.92
C SER B 186 23.11 -1.79 -28.98
N SER B 187 24.11 -1.11 -29.53
CA SER B 187 24.20 0.36 -29.50
C SER B 187 24.19 0.86 -28.04
N VAL B 188 25.38 1.13 -27.49
CA VAL B 188 25.54 1.50 -26.07
C VAL B 188 24.63 2.67 -25.63
N ASP B 189 23.42 2.33 -25.19
CA ASP B 189 22.34 3.29 -24.97
C ASP B 189 22.25 3.72 -23.49
N LYS B 190 21.10 4.27 -23.10
CA LYS B 190 20.87 4.74 -21.72
C LYS B 190 21.12 3.64 -20.70
N GLU B 191 21.81 3.97 -19.61
CA GLU B 191 22.29 2.95 -18.66
C GLU B 191 21.18 2.18 -17.93
N GLU B 192 19.99 2.77 -17.92
CA GLU B 192 18.76 2.11 -17.43
C GLU B 192 18.38 0.95 -18.34
N GLU B 193 18.98 0.94 -19.53
CA GLU B 193 18.62 0.00 -20.58
C GLU B 193 19.82 -0.86 -20.95
N ALA B 194 20.97 -0.55 -20.37
CA ALA B 194 22.23 -1.11 -20.86
C ALA B 194 22.82 -2.25 -20.04
N VAL B 195 22.92 -3.42 -20.68
CA VAL B 195 23.73 -4.53 -20.19
C VAL B 195 25.05 -4.50 -20.95
N VAL B 196 26.18 -4.35 -20.26
CA VAL B 196 27.48 -4.42 -20.93
C VAL B 196 28.49 -5.28 -20.17
N ILE B 197 28.99 -6.32 -20.84
CA ILE B 197 29.91 -7.27 -20.25
C ILE B 197 31.32 -7.11 -20.82
N GLU B 198 32.29 -6.81 -19.96
CA GLU B 198 33.68 -6.97 -20.38
C GLU B 198 34.14 -8.33 -19.89
N MET B 199 34.48 -9.17 -20.84
CA MET B 199 34.59 -10.61 -20.61
C MET B 199 35.94 -11.14 -21.07
N GLN B 200 36.80 -11.44 -20.11
CA GLN B 200 38.11 -12.04 -20.40
C GLN B 200 37.95 -13.53 -20.71
N GLU B 201 37.69 -14.32 -19.67
CA GLU B 201 37.29 -15.72 -19.81
C GLU B 201 36.03 -15.99 -18.94
N PRO B 202 35.07 -16.78 -19.46
CA PRO B 202 33.80 -17.04 -18.77
C PRO B 202 33.89 -17.39 -17.29
N VAL B 203 32.97 -16.84 -16.50
CA VAL B 203 32.87 -17.14 -15.09
C VAL B 203 31.47 -17.69 -14.75
N THR B 204 31.43 -18.61 -13.80
CA THR B 204 30.17 -19.19 -13.36
C THR B 204 30.19 -19.48 -11.85
N LEU B 205 29.52 -18.63 -11.09
CA LEU B 205 29.56 -18.72 -9.63
C LEU B 205 28.20 -18.84 -8.94
N THR B 206 28.22 -19.45 -7.75
CA THR B 206 27.02 -19.56 -6.93
C THR B 206 27.07 -18.56 -5.78
N PHE B 207 25.99 -17.85 -5.55
CA PHE B 207 25.92 -16.94 -4.41
C PHE B 207 24.70 -17.22 -3.55
N ALA B 208 24.70 -16.75 -2.30
CA ALA B 208 23.50 -16.87 -1.47
C ALA B 208 22.51 -15.76 -1.82
N CYS B 209 21.24 -15.99 -1.49
CA CYS B 209 20.17 -15.18 -2.03
C CYS B 209 19.75 -13.99 -1.15
N ARG B 210 19.57 -14.23 0.14
CA ARG B 210 19.15 -13.14 1.04
C ARG B 210 20.09 -11.95 0.89
N TYR B 211 21.36 -12.26 0.65
CA TYR B 211 22.36 -11.21 0.51
C TYR B 211 22.19 -10.41 -0.78
N LEU B 212 21.99 -11.08 -1.90
CA LEU B 212 21.69 -10.34 -3.14
C LEU B 212 20.49 -9.44 -2.90
N ASN B 213 19.47 -10.00 -2.27
CA ASN B 213 18.24 -9.25 -2.01
C ASN B 213 18.45 -8.00 -1.17
N MET B 214 19.37 -8.08 -0.20
CA MET B 214 19.64 -6.91 0.61
C MET B 214 20.50 -5.91 -0.14
N PHE B 215 21.43 -6.39 -0.97
CA PHE B 215 22.30 -5.49 -1.73
C PHE B 215 21.45 -4.72 -2.71
N THR B 216 20.33 -5.31 -3.11
CA THR B 216 19.50 -4.64 -4.07
C THR B 216 18.65 -3.58 -3.44
N LYS B 217 18.85 -3.36 -2.14
CA LYS B 217 18.17 -2.29 -1.41
C LYS B 217 18.65 -0.99 -1.99
N ALA B 218 19.83 -1.05 -2.58
CA ALA B 218 20.55 0.14 -2.97
C ALA B 218 20.07 0.60 -4.33
N THR B 219 19.12 -0.13 -4.88
CA THR B 219 18.70 0.12 -6.24
C THR B 219 18.34 1.58 -6.58
N PRO B 220 17.65 2.32 -5.68
CA PRO B 220 17.28 3.67 -6.10
C PRO B 220 18.48 4.56 -6.45
N LEU B 221 19.53 4.45 -5.62
CA LEU B 221 20.74 5.29 -5.67
C LEU B 221 21.24 5.52 -7.08
N SER B 222 21.40 4.42 -7.82
CA SER B 222 21.75 4.46 -9.23
C SER B 222 20.78 3.61 -10.05
N PRO B 223 20.46 4.06 -11.27
CA PRO B 223 19.65 3.27 -12.22
C PRO B 223 20.47 2.14 -12.83
N GLN B 224 21.75 2.06 -12.43
CA GLN B 224 22.71 1.05 -12.90
C GLN B 224 23.38 0.32 -11.70
N VAL B 225 24.00 -0.82 -11.96
CA VAL B 225 24.66 -1.62 -10.93
C VAL B 225 25.71 -2.41 -11.67
N SER B 226 26.76 -2.88 -10.99
CA SER B 226 27.86 -3.55 -11.71
C SER B 226 28.54 -4.74 -11.01
N LEU B 227 28.22 -5.94 -11.48
CA LEU B 227 28.72 -7.18 -10.90
C LEU B 227 30.07 -7.56 -11.47
N SER B 228 31.10 -7.45 -10.65
CA SER B 228 32.42 -7.85 -11.07
C SER B 228 32.75 -9.19 -10.43
N MET B 229 33.16 -10.15 -11.26
CA MET B 229 33.33 -11.53 -10.82
C MET B 229 34.64 -12.13 -11.29
N SER B 230 35.30 -12.88 -10.41
CA SER B 230 36.43 -13.72 -10.77
C SER B 230 36.31 -14.98 -9.93
N PRO B 231 36.97 -16.07 -10.32
CA PRO B 231 36.89 -17.29 -9.51
C PRO B 231 37.61 -17.18 -8.16
N ASP B 232 37.01 -17.76 -7.12
CA ASP B 232 37.57 -17.81 -5.76
C ASP B 232 37.72 -16.46 -5.03
N VAL B 233 37.65 -15.35 -5.76
CA VAL B 233 37.61 -14.02 -5.18
C VAL B 233 36.13 -13.61 -5.03
N PRO B 234 35.78 -12.91 -3.93
CA PRO B 234 34.42 -12.37 -3.69
C PRO B 234 33.77 -11.58 -4.85
N LEU B 235 32.47 -11.35 -4.75
CA LEU B 235 31.71 -10.65 -5.80
C LEU B 235 31.32 -9.23 -5.39
N VAL B 236 31.47 -8.31 -6.33
CA VAL B 236 31.25 -6.90 -6.02
C VAL B 236 30.04 -6.35 -6.73
N VAL B 237 29.03 -6.03 -5.94
CA VAL B 237 27.86 -5.31 -6.41
C VAL B 237 28.09 -3.85 -6.09
N GLU B 238 28.23 -3.03 -7.12
CA GLU B 238 28.58 -1.63 -6.90
C GLU B 238 27.53 -0.69 -7.41
N TYR B 239 26.85 -0.01 -6.49
CA TYR B 239 25.96 1.08 -6.86
C TYR B 239 26.67 2.45 -6.73
N ALA B 240 26.69 3.21 -7.82
CA ALA B 240 27.16 4.59 -7.81
C ALA B 240 26.16 5.43 -7.03
N ILE B 241 26.64 6.19 -6.05
CA ILE B 241 25.77 7.09 -5.29
C ILE B 241 25.59 8.42 -6.06
N GLY B 242 25.97 8.42 -7.34
CA GLY B 242 25.60 9.51 -8.21
C GLY B 242 26.36 10.78 -7.93
N GLU B 243 27.61 10.80 -8.39
CA GLU B 243 28.50 11.97 -8.38
C GLU B 243 29.13 12.30 -7.01
N ILE B 244 28.65 11.64 -5.95
CA ILE B 244 29.19 11.90 -4.62
C ILE B 244 30.11 10.76 -4.15
N GLY B 245 29.92 9.61 -4.76
CA GLY B 245 30.68 8.43 -4.43
C GLY B 245 29.97 7.14 -4.82
N HIS B 246 30.10 6.13 -3.97
CA HIS B 246 29.46 4.86 -4.25
C HIS B 246 29.66 3.82 -3.17
N ILE B 247 28.81 2.81 -3.26
CA ILE B 247 28.71 1.79 -2.25
C ILE B 247 28.93 0.46 -2.89
N ARG B 248 29.81 -0.31 -2.28
CA ARG B 248 30.17 -1.63 -2.76
C ARG B 248 29.77 -2.67 -1.72
N TYR B 249 29.15 -3.74 -2.24
CA TYR B 249 28.73 -4.87 -1.46
C TYR B 249 29.58 -6.02 -1.88
N PHE B 250 30.19 -6.68 -0.91
CA PHE B 250 31.14 -7.76 -1.19
C PHE B 250 30.60 -9.04 -0.62
N LEU B 251 30.61 -10.06 -1.46
CA LEU B 251 30.02 -11.33 -1.08
C LEU B 251 30.86 -12.50 -1.59
N ALA B 252 31.02 -13.51 -0.74
CA ALA B 252 31.75 -14.70 -1.11
C ALA B 252 30.81 -15.75 -1.73
N PRO B 253 31.27 -16.41 -2.81
CA PRO B 253 30.61 -17.58 -3.42
C PRO B 253 30.63 -18.79 -2.48
N LYS B 254 30.00 -19.89 -2.91
CA LYS B 254 29.91 -21.11 -2.12
C LYS B 254 30.31 -22.32 -2.94
N MET C 1 -39.76 13.59 11.65
CA MET C 1 -38.57 12.76 11.76
C MET C 1 -37.30 13.59 11.71
N PHE C 2 -36.21 12.91 11.42
CA PHE C 2 -34.90 13.53 11.22
C PHE C 2 -34.31 13.07 9.88
N GLU C 3 -33.96 14.04 9.04
CA GLU C 3 -33.39 13.77 7.74
C GLU C 3 -32.34 14.83 7.42
N ALA C 4 -31.09 14.53 7.76
CA ALA C 4 -29.98 15.36 7.40
C ALA C 4 -29.25 14.76 6.19
N ARG C 5 -29.20 15.54 5.11
CA ARG C 5 -28.71 15.04 3.82
C ARG C 5 -27.57 15.89 3.27
N LEU C 6 -26.33 15.43 3.47
CA LEU C 6 -25.14 16.16 2.98
C LEU C 6 -24.79 15.89 1.54
N VAL C 7 -24.68 16.96 0.75
CA VAL C 7 -24.23 16.88 -0.65
C VAL C 7 -22.99 16.01 -0.80
N GLN C 8 -21.97 16.30 0.02
CA GLN C 8 -20.67 15.64 -0.03
C GLN C 8 -20.46 14.60 1.06
N GLY C 9 -21.01 13.43 0.87
CA GLY C 9 -20.89 12.34 1.82
C GLY C 9 -19.52 12.14 2.46
N SER C 10 -18.47 12.22 1.63
CA SER C 10 -17.08 12.12 2.05
C SER C 10 -16.86 12.73 3.44
N LEU C 11 -17.36 13.95 3.59
CA LEU C 11 -17.24 14.74 4.82
C LEU C 11 -17.53 13.96 6.10
N LEU C 12 -18.67 13.29 6.13
CA LEU C 12 -19.07 12.58 7.32
C LEU C 12 -18.03 11.54 7.63
N LYS C 13 -17.65 10.80 6.58
CA LYS C 13 -16.73 9.68 6.70
C LYS C 13 -15.47 10.19 7.31
N LYS C 14 -15.03 11.36 6.83
CA LYS C 14 -13.72 11.88 7.22
C LYS C 14 -13.77 12.00 8.72
N VAL C 15 -14.91 12.56 9.19
CA VAL C 15 -15.20 12.81 10.60
C VAL C 15 -15.21 11.54 11.41
N LEU C 16 -15.80 10.49 10.86
CA LEU C 16 -15.71 9.20 11.50
C LEU C 16 -14.26 8.81 11.78
N GLU C 17 -13.39 8.99 10.79
CA GLU C 17 -11.98 8.69 10.95
C GLU C 17 -11.39 9.54 12.04
N ALA C 18 -11.84 10.79 12.10
CA ALA C 18 -11.30 11.71 13.06
C ALA C 18 -11.64 11.31 14.52
N ILE C 19 -12.63 10.43 14.68
CA ILE C 19 -13.02 9.97 16.01
C ILE C 19 -12.68 8.50 16.18
N LYS C 20 -13.47 7.67 15.48
CA LYS C 20 -13.38 6.19 15.42
C LYS C 20 -12.46 5.47 16.41
N ASP C 21 -11.20 5.87 16.44
CA ASP C 21 -10.22 5.19 17.29
C ASP C 21 -10.19 5.74 18.72
N LEU C 22 -10.68 6.97 18.88
CA LEU C 22 -10.77 7.64 20.18
C LEU C 22 -11.93 7.11 20.99
N LEU C 23 -13.14 7.29 20.43
CA LEU C 23 -14.40 7.02 21.11
C LEU C 23 -15.07 5.79 20.52
N ASN C 24 -15.40 4.82 21.35
CA ASN C 24 -16.03 3.61 20.83
C ASN C 24 -17.57 3.59 20.88
N GLU C 25 -18.18 4.65 21.44
CA GLU C 25 -19.63 4.83 21.43
C GLU C 25 -20.06 6.26 21.71
N ALA C 26 -20.80 6.86 20.78
CA ALA C 26 -21.16 8.28 20.89
C ALA C 26 -22.65 8.61 20.67
N SER C 27 -23.13 9.66 21.34
CA SER C 27 -24.49 10.11 21.14
C SER C 27 -24.49 11.41 20.34
N TRP C 28 -25.11 11.35 19.17
CA TRP C 28 -25.22 12.51 18.30
C TRP C 28 -26.47 13.26 18.68
N ASP C 29 -26.30 14.46 19.20
CA ASP C 29 -27.44 15.29 19.55
C ASP C 29 -27.97 16.07 18.33
N CYS C 30 -29.26 15.89 18.06
CA CYS C 30 -29.90 16.56 16.94
C CYS C 30 -30.90 17.61 17.42
N ALA C 31 -30.86 18.78 16.78
CA ALA C 31 -31.74 19.90 17.09
C ALA C 31 -31.85 20.77 15.85
N ASP C 32 -32.55 21.89 15.95
CA ASP C 32 -32.89 22.71 14.78
C ASP C 32 -31.73 23.38 14.04
N SER C 33 -30.60 23.60 14.71
CA SER C 33 -29.40 24.02 13.97
C SER C 33 -28.45 22.87 13.58
N GLY C 34 -28.59 21.71 14.20
CA GLY C 34 -27.85 20.58 13.69
C GLY C 34 -27.37 19.61 14.74
N ILE C 35 -26.40 18.80 14.32
CA ILE C 35 -25.86 17.75 15.16
C ILE C 35 -24.63 18.20 15.96
N GLN C 36 -24.45 17.58 17.11
CA GLN C 36 -23.52 18.06 18.12
C GLN C 36 -23.12 16.84 18.91
N LEU C 37 -21.81 16.65 19.08
CA LEU C 37 -21.27 15.41 19.64
C LEU C 37 -20.30 15.66 20.77
N GLN C 38 -20.61 15.14 21.95
CA GLN C 38 -19.76 15.36 23.11
C GLN C 38 -19.30 14.05 23.74
N ALA C 39 -18.00 13.78 23.69
CA ALA C 39 -17.49 12.57 24.34
C ALA C 39 -16.08 12.65 24.96
N MET C 40 -15.88 11.83 25.99
CA MET C 40 -14.62 11.72 26.71
C MET C 40 -14.05 10.36 26.38
N ASP C 41 -12.83 10.32 25.82
CA ASP C 41 -12.30 9.10 25.18
C ASP C 41 -12.23 7.81 26.02
N ASN C 42 -11.92 6.69 25.37
CA ASN C 42 -11.84 5.38 26.01
C ASN C 42 -11.14 5.44 27.36
N SER C 43 -10.03 6.17 27.41
CA SER C 43 -9.20 6.28 28.61
C SER C 43 -9.42 7.56 29.42
N HIS C 44 -10.51 8.28 29.11
CA HIS C 44 -10.92 9.49 29.82
C HIS C 44 -9.82 10.54 30.03
N VAL C 45 -9.22 10.98 28.93
CA VAL C 45 -8.18 11.99 28.98
C VAL C 45 -8.48 13.14 28.01
N SER C 46 -8.68 12.79 26.74
CA SER C 46 -9.03 13.81 25.74
C SER C 46 -10.54 13.99 25.65
N LEU C 47 -10.95 15.08 25.02
CA LEU C 47 -12.36 15.34 24.85
C LEU C 47 -12.68 15.74 23.39
N VAL C 48 -13.63 15.04 22.79
CA VAL C 48 -14.11 15.45 21.49
C VAL C 48 -15.44 16.22 21.56
N SER C 49 -15.47 17.29 20.79
CA SER C 49 -16.65 18.11 20.65
C SER C 49 -16.82 18.41 19.18
N LEU C 50 -17.99 18.07 18.67
CA LEU C 50 -18.22 18.21 17.25
C LEU C 50 -19.49 19.02 16.99
N ASN C 51 -19.38 20.03 16.13
CA ASN C 51 -20.59 20.68 15.66
C ASN C 51 -20.76 20.65 14.16
N LEU C 52 -22.01 20.41 13.78
CA LEU C 52 -22.44 20.44 12.40
C LEU C 52 -23.78 21.18 12.29
N ARG C 53 -23.77 22.22 11.46
CA ARG C 53 -24.84 23.18 11.43
C ARG C 53 -25.79 23.01 10.24
N ALA C 54 -27.09 22.95 10.54
CA ALA C 54 -28.18 23.08 9.57
C ALA C 54 -27.82 23.71 8.23
N LYS C 55 -27.26 24.92 8.26
CA LYS C 55 -27.02 25.66 7.03
C LYS C 55 -26.08 24.91 6.06
N GLY C 56 -25.25 24.02 6.62
CA GLY C 56 -24.27 23.25 5.86
C GLY C 56 -24.76 22.02 5.10
N PHE C 57 -25.78 21.37 5.62
CA PHE C 57 -26.37 20.22 4.95
C PHE C 57 -27.16 20.75 3.76
N ASP C 58 -27.30 19.93 2.73
CA ASP C 58 -28.12 20.28 1.59
C ASP C 58 -29.60 20.27 2.02
N LYS C 59 -29.92 19.38 2.95
CA LYS C 59 -31.25 19.33 3.56
C LYS C 59 -31.17 18.88 5.02
N TYR C 60 -31.50 19.82 5.92
CA TYR C 60 -31.56 19.53 7.35
C TYR C 60 -33.01 19.50 7.84
N ARG C 61 -33.29 18.68 8.85
CA ARG C 61 -34.64 18.63 9.39
C ARG C 61 -34.75 17.83 10.69
N CYS C 62 -34.73 18.51 11.83
CA CYS C 62 -35.04 17.88 13.10
C CYS C 62 -36.23 18.59 13.73
N ASP C 63 -37.42 18.05 13.45
CA ASP C 63 -38.66 18.52 14.05
C ASP C 63 -38.54 18.52 15.58
N ARG C 64 -38.55 17.31 16.16
CA ARG C 64 -38.36 17.11 17.59
C ARG C 64 -36.85 17.12 17.95
N ASN C 65 -36.48 16.44 19.04
CA ASN C 65 -35.07 16.35 19.43
C ASN C 65 -34.60 14.91 19.60
N LEU C 66 -33.40 14.62 19.13
CA LEU C 66 -32.83 13.28 19.17
C LEU C 66 -31.43 13.13 19.79
N ILE C 67 -31.36 12.31 20.84
CA ILE C 67 -30.08 11.74 21.26
C ILE C 67 -29.97 10.38 20.55
N MET C 68 -29.27 10.36 19.41
CA MET C 68 -29.04 9.09 18.73
C MET C 68 -27.81 8.44 19.35
N GLY C 69 -27.98 7.22 19.86
CA GLY C 69 -26.88 6.50 20.48
C GLY C 69 -26.12 5.54 19.56
N MET C 70 -25.54 6.08 18.49
CA MET C 70 -24.80 5.28 17.52
C MET C 70 -23.46 4.77 18.07
N ASN C 71 -23.18 3.49 17.91
CA ASN C 71 -21.83 2.99 18.12
C ASN C 71 -21.00 3.37 16.91
N LEU C 72 -19.77 3.81 17.17
CA LEU C 72 -18.97 4.47 16.16
C LEU C 72 -18.22 3.52 15.23
N THR C 73 -17.80 2.37 15.74
CA THR C 73 -17.11 1.41 14.88
C THR C 73 -18.05 0.87 13.80
N SER C 74 -19.26 0.50 14.23
CA SER C 74 -20.28 -0.04 13.34
C SER C 74 -20.60 1.02 12.29
N MET C 75 -20.84 2.22 12.80
CA MET C 75 -21.14 3.34 11.94
C MET C 75 -20.01 3.59 10.94
N SER C 76 -18.78 3.29 11.37
CA SER C 76 -17.59 3.43 10.55
C SER C 76 -17.56 2.40 9.41
N LYS C 77 -17.93 1.15 9.70
CA LYS C 77 -18.15 0.17 8.64
C LYS C 77 -19.09 0.74 7.59
N ILE C 78 -20.24 1.24 8.05
CA ILE C 78 -21.25 1.74 7.13
C ILE C 78 -20.76 2.89 6.25
N LEU C 79 -20.25 3.95 6.86
CA LEU C 79 -19.67 5.02 6.06
C LEU C 79 -18.61 4.46 5.09
N LYS C 80 -17.69 3.66 5.62
CA LYS C 80 -16.67 2.98 4.80
C LYS C 80 -17.26 2.30 3.58
N CYS C 81 -18.55 1.94 3.62
CA CYS C 81 -19.19 1.46 2.40
C CYS C 81 -19.67 2.55 1.44
N ALA C 82 -19.56 3.82 1.83
CA ALA C 82 -19.93 4.89 0.90
C ALA C 82 -18.80 5.09 -0.11
N ALA C 83 -19.08 5.80 -1.19
CA ALA C 83 -18.08 6.34 -2.12
C ALA C 83 -17.90 7.85 -1.88
N ASN C 84 -17.08 8.51 -2.67
CA ASN C 84 -16.79 9.95 -2.47
C ASN C 84 -17.52 10.91 -3.40
N ASP C 85 -18.75 10.54 -3.72
CA ASP C 85 -19.67 11.40 -4.41
C ASP C 85 -21.02 10.98 -3.87
N ASP C 86 -20.97 10.08 -2.89
CA ASP C 86 -22.16 9.47 -2.34
C ASP C 86 -22.98 10.42 -1.44
N ILE C 87 -24.29 10.48 -1.67
CA ILE C 87 -25.17 11.35 -0.89
C ILE C 87 -25.62 10.63 0.37
N ILE C 88 -24.99 10.90 1.52
CA ILE C 88 -25.42 10.22 2.73
C ILE C 88 -26.75 10.80 3.07
N THR C 89 -27.60 10.05 3.77
CA THR C 89 -28.68 10.67 4.49
C THR C 89 -28.99 9.85 5.72
N MET C 90 -28.61 10.37 6.88
CA MET C 90 -29.10 9.80 8.11
C MET C 90 -30.60 10.02 8.10
N LYS C 91 -31.34 9.11 8.71
CA LYS C 91 -32.78 9.30 8.87
C LYS C 91 -33.24 8.57 10.12
N ALA C 92 -34.24 9.14 10.80
CA ALA C 92 -34.78 8.50 12.01
C ALA C 92 -36.19 8.99 12.37
N GLN C 93 -36.98 8.11 12.98
CA GLN C 93 -38.28 8.52 13.51
C GLN C 93 -38.05 9.25 14.83
N ASP C 94 -39.13 9.54 15.55
CA ASP C 94 -38.98 10.25 16.82
C ASP C 94 -38.15 9.47 17.84
N ASN C 95 -38.74 8.44 18.45
CA ASN C 95 -38.00 7.60 19.37
C ASN C 95 -37.39 6.42 18.63
N ALA C 96 -36.94 6.67 17.40
CA ALA C 96 -36.41 5.64 16.51
C ALA C 96 -35.37 4.78 17.22
N ASP C 97 -35.56 3.46 17.16
CA ASP C 97 -34.60 2.52 17.74
C ASP C 97 -33.51 2.18 16.72
N THR C 98 -33.47 2.95 15.64
CA THR C 98 -32.63 2.67 14.49
C THR C 98 -32.40 3.94 13.68
N VAL C 99 -31.16 4.12 13.19
CA VAL C 99 -30.88 5.19 12.21
C VAL C 99 -30.49 4.60 10.89
N THR C 100 -30.98 5.23 9.83
CA THR C 100 -30.74 4.78 8.49
C THR C 100 -29.83 5.77 7.77
N PHE C 101 -28.74 5.27 7.19
CA PHE C 101 -28.02 6.04 6.19
C PHE C 101 -28.36 5.45 4.85
N MET C 102 -28.49 6.29 3.84
CA MET C 102 -29.03 5.87 2.55
C MET C 102 -28.36 6.65 1.43
N PHE C 103 -27.41 5.99 0.78
CA PHE C 103 -26.49 6.58 -0.22
C PHE C 103 -27.07 6.49 -1.61
N GLU C 104 -27.04 7.61 -2.31
CA GLU C 104 -27.49 7.66 -3.68
C GLU C 104 -26.25 7.98 -4.45
N SER C 105 -26.35 7.95 -5.77
CA SER C 105 -25.21 8.30 -6.61
C SER C 105 -25.60 9.37 -7.61
N PRO C 106 -24.66 10.29 -7.88
CA PRO C 106 -24.85 11.43 -8.79
C PRO C 106 -24.82 11.05 -10.27
N ASN C 107 -23.83 10.22 -10.65
CA ASN C 107 -23.67 9.73 -12.02
C ASN C 107 -23.80 8.20 -12.10
N GLN C 108 -24.59 7.64 -11.19
CA GLN C 108 -24.99 6.23 -11.24
C GLN C 108 -26.44 6.09 -10.74
N GLU C 109 -26.91 4.85 -10.67
CA GLU C 109 -28.20 4.57 -10.04
C GLU C 109 -28.18 3.30 -9.21
N LYS C 110 -27.18 3.23 -8.33
CA LYS C 110 -27.24 2.31 -7.22
C LYS C 110 -27.71 3.10 -6.03
N VAL C 111 -28.41 2.44 -5.12
CA VAL C 111 -28.97 3.12 -3.97
C VAL C 111 -28.79 2.25 -2.73
N SER C 112 -27.79 2.59 -1.94
CA SER C 112 -27.47 1.83 -0.74
C SER C 112 -28.41 2.25 0.37
N ASP C 113 -28.55 1.38 1.36
CA ASP C 113 -29.37 1.67 2.50
C ASP C 113 -28.97 0.79 3.68
N TYR C 114 -28.32 1.38 4.67
CA TYR C 114 -27.88 0.63 5.81
C TYR C 114 -28.58 1.17 7.06
N GLU C 115 -29.25 0.27 7.78
CA GLU C 115 -29.88 0.61 9.06
C GLU C 115 -29.03 0.08 10.21
N MET C 116 -28.57 0.99 11.07
CA MET C 116 -27.92 0.51 12.27
C MET C 116 -28.75 0.74 13.51
N LYS C 117 -28.39 -0.03 14.54
CA LYS C 117 -29.07 -0.04 15.83
C LYS C 117 -28.55 1.03 16.77
N LEU C 118 -29.46 1.69 17.45
CA LEU C 118 -29.09 2.79 18.33
C LEU C 118 -29.02 2.29 19.77
N MET C 119 -28.11 2.87 20.54
CA MET C 119 -27.88 2.44 21.92
C MET C 119 -28.35 3.52 22.85
N ASN C 120 -28.52 3.15 24.11
CA ASN C 120 -28.80 4.13 25.15
C ASN C 120 -27.53 4.52 25.90
N LEU C 121 -27.42 5.79 26.28
CA LEU C 121 -26.28 6.25 27.06
C LEU C 121 -26.70 7.28 28.10
N ASP C 122 -25.84 7.50 29.08
CA ASP C 122 -25.90 8.71 29.88
C ASP C 122 -25.11 9.70 29.05
N GLN C 123 -25.48 10.98 29.06
CA GLN C 123 -24.64 11.96 28.38
C GLN C 123 -24.09 13.05 29.30
N GLU C 124 -22.79 13.00 29.52
CA GLU C 124 -22.09 13.87 30.45
C GLU C 124 -21.46 15.09 29.77
N HIS C 125 -22.31 16.06 29.47
CA HIS C 125 -21.84 17.29 28.85
C HIS C 125 -21.07 18.15 29.86
N LEU C 126 -19.83 17.78 30.12
CA LEU C 126 -18.89 18.69 30.78
C LEU C 126 -18.65 19.82 29.78
N GLY C 127 -18.85 21.06 30.21
CA GLY C 127 -18.70 22.20 29.31
C GLY C 127 -17.30 22.39 28.76
N ILE C 128 -17.10 23.49 28.05
CA ILE C 128 -15.79 23.79 27.49
C ILE C 128 -15.18 25.04 28.13
N PRO C 129 -15.24 25.12 29.48
CA PRO C 129 -15.06 26.31 30.33
C PRO C 129 -14.35 27.41 29.57
N GLU C 130 -15.14 28.22 28.87
CA GLU C 130 -14.60 29.14 27.86
C GLU C 130 -13.65 30.21 28.37
N THR C 131 -12.42 30.14 27.85
CA THR C 131 -11.40 31.10 28.17
C THR C 131 -10.96 31.80 26.89
N ASP C 132 -10.25 32.91 27.05
CA ASP C 132 -9.46 33.52 25.99
C ASP C 132 -8.03 33.08 26.27
N TYR C 133 -7.50 32.24 25.40
CA TYR C 133 -6.22 31.58 25.65
C TYR C 133 -5.06 32.57 25.49
N ALA C 134 -3.93 32.23 26.11
CA ALA C 134 -2.73 33.06 26.06
C ALA C 134 -2.07 33.08 24.68
N CYS C 135 -2.29 32.03 23.88
CA CYS C 135 -1.63 31.90 22.58
C CYS C 135 -2.36 31.07 21.51
N VAL C 136 -2.70 31.73 20.41
CA VAL C 136 -3.41 31.04 19.35
C VAL C 136 -2.48 30.83 18.18
N ILE C 137 -2.16 29.58 17.92
CA ILE C 137 -1.40 29.22 16.74
C ILE C 137 -2.38 28.71 15.70
N LYS C 138 -2.32 29.27 14.50
CA LYS C 138 -2.92 28.62 13.34
C LYS C 138 -1.76 28.06 12.54
N LEU C 139 -1.94 26.90 11.91
CA LEU C 139 -0.88 26.27 11.13
C LEU C 139 -1.44 25.21 10.18
N PRO C 140 -0.69 24.86 9.13
CA PRO C 140 -1.14 23.81 8.20
C PRO C 140 -1.37 22.46 8.90
N SER C 141 -2.51 21.81 8.60
CA SER C 141 -2.99 20.70 9.41
C SER C 141 -2.13 19.49 9.19
N GLY C 142 -1.60 19.43 7.97
CA GLY C 142 -0.80 18.32 7.49
C GLY C 142 0.64 18.51 7.88
N GLU C 143 1.01 19.77 8.07
CA GLU C 143 2.28 20.09 8.69
C GLU C 143 2.27 19.66 10.16
N PHE C 144 1.24 20.08 10.89
CA PHE C 144 1.09 19.70 12.28
C PHE C 144 1.14 18.20 12.35
N ALA C 145 0.49 17.54 11.38
CA ALA C 145 0.42 16.08 11.33
C ALA C 145 1.77 15.42 11.14
N ARG C 146 2.50 15.89 10.14
CA ARG C 146 3.85 15.39 9.86
C ARG C 146 4.68 15.53 11.15
N ILE C 147 4.52 16.67 11.82
CA ILE C 147 5.27 16.97 13.03
C ILE C 147 5.00 15.99 14.16
N CYS C 148 3.71 15.76 14.39
CA CYS C 148 3.30 14.89 15.48
C CYS C 148 3.78 13.48 15.24
N ARG C 149 3.64 13.01 14.01
CA ARG C 149 4.02 11.64 13.71
C ARG C 149 5.52 11.47 13.93
N ASP C 150 6.31 12.35 13.30
CA ASP C 150 7.77 12.33 13.44
C ASP C 150 8.22 12.26 14.91
N LEU C 151 7.89 13.29 15.70
CA LEU C 151 8.39 13.38 17.07
C LEU C 151 7.98 12.27 18.07
N SER C 152 7.24 11.26 17.61
CA SER C 152 6.67 10.28 18.53
C SER C 152 7.67 9.19 18.73
N GLN C 153 8.63 9.15 17.84
CA GLN C 153 9.59 8.06 17.81
C GLN C 153 10.68 8.30 18.84
N PHE C 154 10.60 9.43 19.51
CA PHE C 154 11.59 9.80 20.52
C PHE C 154 11.00 9.75 21.92
N GLY C 155 10.21 10.77 22.24
CA GLY C 155 9.55 10.81 23.54
C GLY C 155 8.14 10.26 23.58
N GLU C 156 7.60 10.16 24.79
CA GLU C 156 6.19 9.89 25.00
C GLU C 156 5.45 11.21 25.13
N SER C 157 6.22 12.29 25.21
CA SER C 157 5.67 13.61 25.48
C SER C 157 6.25 14.68 24.53
N ILE C 158 5.46 15.71 24.25
CA ILE C 158 5.88 16.80 23.36
C ILE C 158 5.88 18.16 24.05
N VAL C 159 7.00 18.88 23.93
CA VAL C 159 7.06 20.24 24.47
C VAL C 159 6.82 21.30 23.39
N ILE C 160 5.71 22.01 23.57
CA ILE C 160 5.25 23.05 22.66
C ILE C 160 5.50 24.40 23.27
N ALA C 161 6.37 25.16 22.61
CA ALA C 161 6.76 26.48 23.12
C ALA C 161 6.57 27.60 22.09
N CYS C 162 5.63 28.50 22.36
CA CYS C 162 5.44 29.62 21.46
C CYS C 162 6.00 30.91 22.02
N THR C 163 6.44 31.75 21.09
CA THR C 163 6.95 33.09 21.35
C THR C 163 6.23 33.96 20.33
N LYS C 164 6.54 35.25 20.31
CA LYS C 164 5.89 36.19 19.39
C LYS C 164 6.18 35.91 17.90
N GLU C 165 7.33 35.30 17.61
CA GLU C 165 7.69 35.07 16.22
C GLU C 165 7.55 33.61 15.75
N GLY C 166 7.73 32.67 16.68
CA GLY C 166 7.75 31.27 16.28
C GLY C 166 7.28 30.27 17.32
N VAL C 167 6.92 29.10 16.82
CA VAL C 167 6.51 27.99 17.67
C VAL C 167 7.48 26.85 17.49
N LYS C 168 7.74 26.14 18.58
CA LYS C 168 8.77 25.12 18.58
C LYS C 168 8.22 23.85 19.21
N PHE C 169 8.53 22.71 18.61
CA PHE C 169 8.09 21.43 19.14
C PHE C 169 9.33 20.61 19.45
N SER C 170 9.31 19.93 20.59
CA SER C 170 10.54 19.29 21.09
C SER C 170 10.29 17.95 21.77
N ALA C 171 11.17 16.99 21.50
CA ALA C 171 11.04 15.67 22.11
C ALA C 171 12.38 15.04 22.47
N ALA C 172 12.41 14.44 23.66
CA ALA C 172 13.57 13.75 24.21
C ALA C 172 13.29 12.27 24.45
N GLY C 173 14.10 11.41 23.83
CA GLY C 173 13.97 9.97 24.05
C GLY C 173 15.26 9.36 24.57
N ASP C 174 15.22 8.07 24.89
CA ASP C 174 16.42 7.31 25.23
C ASP C 174 17.26 7.14 23.97
N ILE C 175 16.69 7.58 22.84
CA ILE C 175 17.35 7.60 21.54
C ILE C 175 18.04 8.94 21.33
N GLY C 176 17.26 9.95 20.97
CA GLY C 176 17.79 11.29 20.80
C GLY C 176 16.94 12.45 21.30
N THR C 177 17.45 13.67 21.14
CA THR C 177 16.65 14.86 21.30
C THR C 177 16.36 15.46 19.92
N ALA C 178 15.18 16.05 19.79
CA ALA C 178 14.65 16.44 18.49
C ALA C 178 13.87 17.74 18.59
N ASN C 179 14.20 18.68 17.72
CA ASN C 179 13.55 19.97 17.73
C ASN C 179 13.14 20.48 16.35
N ILE C 180 11.82 20.58 16.16
CA ILE C 180 11.23 21.14 14.95
C ILE C 180 10.74 22.53 15.22
N LYS C 181 11.01 23.46 14.31
CA LYS C 181 10.66 24.87 14.56
C LYS C 181 9.93 25.50 13.39
N LEU C 182 8.78 26.12 13.67
CA LEU C 182 8.09 26.92 12.66
C LEU C 182 8.18 28.40 12.98
N ALA C 183 8.55 29.18 11.99
CA ALA C 183 8.49 30.63 12.11
C ALA C 183 7.10 31.07 11.65
N GLN C 184 6.80 32.36 11.79
CA GLN C 184 5.49 32.86 11.39
C GLN C 184 5.40 33.30 9.92
N THR C 185 4.19 33.28 9.37
CA THR C 185 3.94 33.49 7.94
C THR C 185 4.04 34.93 7.45
N SER C 186 5.13 35.20 6.74
CA SER C 186 5.33 36.47 6.04
C SER C 186 4.37 36.59 4.86
N SER C 187 3.66 37.72 4.80
CA SER C 187 2.56 37.94 3.86
C SER C 187 1.49 36.86 4.04
N VAL C 188 0.43 37.19 4.79
CA VAL C 188 -0.62 36.22 5.16
C VAL C 188 -1.21 35.50 3.94
N ASP C 189 -0.59 34.36 3.59
CA ASP C 189 -0.86 33.64 2.35
C ASP C 189 -1.86 32.48 2.53
N LYS C 190 -1.87 31.54 1.59
CA LYS C 190 -2.77 30.39 1.63
C LYS C 190 -2.63 29.62 2.93
N GLU C 191 -3.76 29.22 3.54
CA GLU C 191 -3.74 28.62 4.88
C GLU C 191 -3.00 27.28 4.98
N GLU C 192 -2.84 26.62 3.84
CA GLU C 192 -2.02 25.41 3.72
C GLU C 192 -0.55 25.76 3.96
N GLU C 193 -0.25 27.05 3.93
CA GLU C 193 1.12 27.51 3.94
C GLU C 193 1.33 28.43 5.13
N ALA C 194 0.25 28.71 5.86
CA ALA C 194 0.27 29.79 6.84
C ALA C 194 0.36 29.35 8.31
N VAL C 195 1.46 29.76 8.95
CA VAL C 195 1.60 29.75 10.40
C VAL C 195 1.32 31.15 10.90
N VAL C 196 0.30 31.32 11.75
CA VAL C 196 0.05 32.64 12.37
C VAL C 196 -0.24 32.54 13.86
N ILE C 197 0.59 33.24 14.65
CA ILE C 197 0.51 33.21 16.11
C ILE C 197 -0.02 34.54 16.66
N GLU C 198 -1.14 34.50 17.37
CA GLU C 198 -1.53 35.64 18.20
C GLU C 198 -1.06 35.38 19.62
N MET C 199 -0.13 36.22 20.05
CA MET C 199 0.73 35.92 21.17
C MET C 199 0.67 37.02 22.21
N GLN C 200 -0.01 36.73 23.31
CA GLN C 200 -0.10 37.68 24.42
C GLN C 200 1.19 37.63 25.25
N GLU C 201 1.37 36.56 26.01
CA GLU C 201 2.63 36.26 26.68
C GLU C 201 3.00 34.79 26.42
N PRO C 202 4.30 34.52 26.19
CA PRO C 202 4.77 33.17 25.83
C PRO C 202 4.22 32.02 26.69
N VAL C 203 3.90 30.92 26.01
CA VAL C 203 3.47 29.70 26.68
C VAL C 203 4.39 28.55 26.31
N THR C 204 4.61 27.66 27.29
CA THR C 204 5.41 26.46 27.06
C THR C 204 4.86 25.24 27.83
N LEU C 205 4.19 24.35 27.10
CA LEU C 205 3.52 23.22 27.74
C LEU C 205 3.96 21.83 27.23
N THR C 206 3.80 20.82 28.08
CA THR C 206 4.03 19.44 27.71
C THR C 206 2.71 18.68 27.48
N PHE C 207 2.63 17.91 26.40
CA PHE C 207 1.45 17.12 26.13
C PHE C 207 1.80 15.67 25.88
N ALA C 208 0.84 14.77 26.01
CA ALA C 208 1.14 13.38 25.67
C ALA C 208 1.01 13.19 24.16
N CYS C 209 1.60 12.11 23.67
CA CYS C 209 1.83 11.99 22.23
C CYS C 209 0.75 11.21 21.49
N ARG C 210 0.38 10.05 22.01
CA ARG C 210 -0.62 9.22 21.32
C ARG C 210 -1.86 10.06 21.03
N TYR C 211 -2.17 10.96 21.95
CA TYR C 211 -3.31 11.84 21.80
C TYR C 211 -3.17 12.84 20.66
N LEU C 212 -2.04 13.54 20.59
CA LEU C 212 -1.79 14.41 19.44
C LEU C 212 -1.95 13.59 18.15
N ASN C 213 -1.38 12.40 18.16
CA ASN C 213 -1.41 11.54 16.98
C ASN C 213 -2.83 11.17 16.55
N MET C 214 -3.72 10.99 17.52
CA MET C 214 -5.11 10.68 17.18
C MET C 214 -5.91 11.92 16.77
N PHE C 215 -5.59 13.07 17.37
CA PHE C 215 -6.25 14.31 16.96
C PHE C 215 -5.87 14.66 15.53
N THR C 216 -4.68 14.22 15.12
CA THR C 216 -4.26 14.53 13.77
C THR C 216 -4.91 13.64 12.74
N LYS C 217 -5.83 12.79 13.20
CA LYS C 217 -6.60 11.93 12.30
C LYS C 217 -7.47 12.87 11.50
N ALA C 218 -7.72 14.03 12.07
CA ALA C 218 -8.72 14.92 11.52
C ALA C 218 -8.15 15.78 10.42
N THR C 219 -6.89 15.53 10.11
CA THR C 219 -6.17 16.36 9.16
C THR C 219 -6.87 16.58 7.79
N PRO C 220 -7.51 15.55 7.22
CA PRO C 220 -8.07 15.82 5.89
C PRO C 220 -9.14 16.92 5.89
N LEU C 221 -9.98 16.90 6.93
CA LEU C 221 -11.13 17.79 7.06
C LEU C 221 -10.82 19.23 6.67
N SER C 222 -9.77 19.77 7.28
CA SER C 222 -9.26 21.09 6.93
C SER C 222 -7.76 21.02 6.62
N PRO C 223 -7.32 21.85 5.68
CA PRO C 223 -5.89 22.00 5.38
C PRO C 223 -5.19 22.85 6.44
N GLN C 224 -5.97 23.29 7.43
CA GLN C 224 -5.49 24.10 8.56
C GLN C 224 -5.88 23.44 9.91
N VAL C 225 -5.26 23.88 11.00
CA VAL C 225 -5.54 23.39 12.35
C VAL C 225 -5.13 24.53 13.28
N SER C 226 -5.66 24.57 14.51
CA SER C 226 -5.37 25.72 15.38
C SER C 226 -5.23 25.43 16.89
N LEU C 227 -3.99 25.49 17.37
CA LEU C 227 -3.65 25.16 18.74
C LEU C 227 -3.77 26.38 19.63
N SER C 228 -4.76 26.36 20.49
CA SER C 228 -4.92 27.45 21.44
C SER C 228 -4.43 26.97 22.81
N MET C 229 -3.54 27.76 23.42
CA MET C 229 -2.87 27.35 24.66
C MET C 229 -2.85 28.44 25.70
N SER C 230 -3.13 28.06 26.94
CA SER C 230 -2.92 28.93 28.10
C SER C 230 -2.39 28.03 29.22
N PRO C 231 -1.74 28.61 30.23
CA PRO C 231 -1.22 27.77 31.34
C PRO C 231 -2.31 27.18 32.20
N ASP C 232 -2.12 25.93 32.62
CA ASP C 232 -3.06 25.19 33.48
C ASP C 232 -4.45 24.87 32.90
N VAL C 233 -4.83 25.55 31.83
CA VAL C 233 -6.04 25.22 31.08
C VAL C 233 -5.69 24.25 29.92
N PRO C 234 -6.56 23.26 29.65
CA PRO C 234 -6.38 22.31 28.54
C PRO C 234 -6.05 22.94 27.16
N LEU C 235 -5.60 22.11 26.22
CA LEU C 235 -5.21 22.57 24.89
C LEU C 235 -6.24 22.19 23.81
N VAL C 236 -6.52 23.14 22.93
CA VAL C 236 -7.55 22.93 21.92
C VAL C 236 -7.01 22.83 20.52
N VAL C 237 -7.08 21.62 19.97
CA VAL C 237 -6.78 21.35 18.57
C VAL C 237 -8.11 21.44 17.82
N GLU C 238 -8.24 22.43 16.95
CA GLU C 238 -9.51 22.66 16.29
C GLU C 238 -9.38 22.53 14.79
N TYR C 239 -9.99 21.48 14.23
CA TYR C 239 -10.13 21.38 12.77
C TYR C 239 -11.50 21.87 12.32
N ALA C 240 -11.51 22.84 11.39
CA ALA C 240 -12.74 23.27 10.72
C ALA C 240 -13.24 22.15 9.84
N ILE C 241 -14.51 21.79 9.98
CA ILE C 241 -15.11 20.80 9.08
C ILE C 241 -15.58 21.45 7.76
N GLY C 242 -15.09 22.66 7.49
CA GLY C 242 -15.27 23.28 6.21
C GLY C 242 -16.70 23.69 5.92
N GLU C 243 -17.10 24.81 6.53
CA GLU C 243 -18.38 25.50 6.26
C GLU C 243 -19.62 24.85 6.91
N ILE C 244 -19.46 23.66 7.47
CA ILE C 244 -20.57 22.96 8.12
C ILE C 244 -20.40 22.96 9.65
N GLY C 245 -19.18 23.15 10.09
CA GLY C 245 -18.93 23.28 11.51
C GLY C 245 -17.47 23.00 11.82
N HIS C 246 -17.23 22.31 12.93
CA HIS C 246 -15.87 21.97 13.31
C HIS C 246 -15.76 21.11 14.56
N ILE C 247 -14.59 20.51 14.68
CA ILE C 247 -14.34 19.52 15.70
C ILE C 247 -13.16 19.98 16.52
N ARG C 248 -13.37 19.99 17.83
CA ARG C 248 -12.36 20.39 18.78
C ARG C 248 -11.93 19.19 19.63
N TYR C 249 -10.62 19.10 19.82
CA TYR C 249 -9.99 18.06 20.61
C TYR C 249 -9.41 18.78 21.78
N PHE C 250 -9.74 18.31 22.97
CA PHE C 250 -9.30 18.94 24.20
C PHE C 250 -8.39 18.00 24.95
N LEU C 251 -7.25 18.54 25.36
CA LEU C 251 -6.23 17.75 26.02
C LEU C 251 -5.57 18.52 27.17
N ALA C 252 -5.35 17.81 28.27
CA ALA C 252 -4.70 18.39 29.42
C ALA C 252 -3.18 18.18 29.34
N PRO C 253 -2.41 19.21 29.72
CA PRO C 253 -0.95 19.14 29.90
C PRO C 253 -0.56 18.29 31.10
N LYS C 254 0.74 18.09 31.29
CA LYS C 254 1.26 17.24 32.36
C LYS C 254 2.31 18.00 33.13
#